data_4H26
#
_entry.id   4H26
#
_cell.length_a   38.822
_cell.length_b   129.202
_cell.length_c   97.473
_cell.angle_alpha   90.00
_cell.angle_beta   95.36
_cell.angle_gamma   90.00
#
_symmetry.space_group_name_H-M   'P 1 21 1'
#
loop_
_entity.id
_entity.type
_entity.pdbx_description
1 polymer 'HLA class II histocompatibility antigen, DR alpha chain'
2 polymer 'MHC class II antigen'
3 polymer peptide
4 branched 2-acetamido-2-deoxy-beta-D-glucopyranose-(1-4)-2-acetamido-2-deoxy-beta-D-glucopyranose
5 water water
#
loop_
_entity_poly.entity_id
_entity_poly.type
_entity_poly.pdbx_seq_one_letter_code
_entity_poly.pdbx_strand_id
1 'polypeptide(L)'
;EEHVIIQAEFYLNPDQSGEFMFDFDGDEIFHVDMAKKETVWRLEEFGRFASFEAQGALANIAVDKANLEIMTKRSNYTPI
TNVPPEVTVLTNSPVELREPNVLICFIDKFTPPVVNVTWLRNGKPVTTGVSETVFLPREDHLFRKFHYLPFLPSTEDVYD
CRVEHWGLDEPLLKHWEFD
;
A,D
2 'polypeptide(L)'
;TRPRFLELLKSECHFFNGTERVRFLERYFHNQEEFVRFDSDVGEYRAVTELGRPVAESWNSQKDLLEQKRGQVDTYCRHN
YGVVESFTVQRRVHPQVTVYPAKTQPLQHHNLLVCSVSGFYPGSIEVRWFRNGQEEKTGVVSTGLIHNGDWTFQTLVMLE
TVPRSGEVYTCQVEHPSVTSPLTVEWRA
;
B,E
3 'polypeptide(L)' QWIRVNIPKRI C,F
#
# COMPACT_ATOMS: atom_id res chain seq x y z
N GLU A 1 -30.10 -0.67 -29.25
CA GLU A 1 -30.90 -0.33 -28.04
C GLU A 1 -30.66 1.12 -27.66
N GLU A 2 -31.73 1.90 -27.63
CA GLU A 2 -31.63 3.30 -27.29
C GLU A 2 -31.37 3.53 -25.80
N HIS A 3 -31.78 2.60 -24.95
CA HIS A 3 -31.57 2.77 -23.51
C HIS A 3 -31.48 1.46 -22.74
N VAL A 4 -30.82 1.51 -21.59
CA VAL A 4 -30.65 0.33 -20.74
C VAL A 4 -30.78 0.72 -19.27
N ILE A 5 -31.58 0.00 -18.52
CA ILE A 5 -31.68 0.30 -17.10
C ILE A 5 -31.20 -0.94 -16.38
N ILE A 6 -30.35 -0.75 -15.38
CA ILE A 6 -29.83 -1.89 -14.64
C ILE A 6 -29.98 -1.76 -13.13
N GLN A 7 -30.55 -2.78 -12.52
CA GLN A 7 -30.72 -2.84 -11.07
C GLN A 7 -29.53 -3.73 -10.62
N ALA A 8 -28.51 -3.10 -10.04
CA ALA A 8 -27.32 -3.83 -9.63
C ALA A 8 -27.06 -3.88 -8.14
N GLU A 9 -26.96 -5.08 -7.59
CA GLU A 9 -26.70 -5.23 -6.18
C GLU A 9 -25.58 -6.25 -5.86
N PHE A 10 -25.05 -6.18 -4.65
CA PHE A 10 -24.03 -7.12 -4.27
C PHE A 10 -23.82 -7.22 -2.77
N TYR A 11 -23.34 -8.38 -2.34
CA TYR A 11 -23.03 -8.62 -0.95
C TYR A 11 -21.60 -9.14 -0.89
N LEU A 12 -20.84 -8.67 0.09
CA LEU A 12 -19.45 -9.11 0.19
C LEU A 12 -19.03 -9.62 1.57
N ASN A 13 -18.44 -10.81 1.58
CA ASN A 13 -17.91 -11.39 2.82
C ASN A 13 -16.37 -11.40 2.72
N PRO A 14 -15.69 -11.30 3.87
CA PRO A 14 -16.28 -11.19 5.21
C PRO A 14 -16.55 -9.75 5.66
N ASP A 15 -16.50 -8.80 4.73
CA ASP A 15 -16.73 -7.40 5.08
C ASP A 15 -18.17 -7.17 5.49
N GLN A 16 -19.05 -8.04 5.01
CA GLN A 16 -20.48 -7.95 5.33
C GLN A 16 -21.08 -6.62 4.91
N SER A 17 -20.71 -6.15 3.73
CA SER A 17 -21.23 -4.90 3.22
C SER A 17 -21.90 -5.15 1.89
N GLY A 18 -23.02 -4.47 1.66
CA GLY A 18 -23.73 -4.64 0.40
C GLY A 18 -24.19 -3.31 -0.17
N GLU A 19 -24.60 -3.33 -1.44
CA GLU A 19 -25.06 -2.12 -2.09
C GLU A 19 -26.21 -2.45 -3.04
N PHE A 20 -27.05 -1.46 -3.29
CA PHE A 20 -28.19 -1.62 -4.18
C PHE A 20 -28.38 -0.33 -4.95
N MET A 21 -28.37 -0.40 -6.28
CA MET A 21 -28.52 0.83 -7.07
C MET A 21 -29.10 0.66 -8.47
N PHE A 22 -29.52 1.76 -9.06
CA PHE A 22 -30.06 1.72 -10.41
C PHE A 22 -29.22 2.53 -11.38
N ASP A 23 -28.98 1.95 -12.55
CA ASP A 23 -28.16 2.57 -13.59
C ASP A 23 -28.95 2.84 -14.86
N PHE A 24 -28.86 4.06 -15.37
CA PHE A 24 -29.53 4.40 -16.62
C PHE A 24 -28.46 4.89 -17.58
N ASP A 25 -28.19 4.10 -18.62
CA ASP A 25 -27.18 4.42 -19.61
C ASP A 25 -25.82 4.77 -18.99
N GLY A 26 -25.42 4.02 -17.96
CA GLY A 26 -24.13 4.26 -17.33
C GLY A 26 -24.14 5.27 -16.20
N ASP A 27 -25.29 5.91 -15.98
CA ASP A 27 -25.41 6.88 -14.90
C ASP A 27 -26.21 6.30 -13.74
N GLU A 28 -25.95 6.80 -12.55
CA GLU A 28 -26.66 6.32 -11.39
C GLU A 28 -27.95 7.10 -11.21
N ILE A 29 -29.06 6.38 -11.14
CA ILE A 29 -30.36 7.02 -10.93
C ILE A 29 -30.44 7.21 -9.41
N PHE A 30 -30.27 6.13 -8.68
CA PHE A 30 -30.31 6.18 -7.22
C PHE A 30 -29.68 4.95 -6.58
N HIS A 31 -29.49 4.99 -5.27
CA HIS A 31 -28.95 3.86 -4.53
C HIS A 31 -29.57 3.91 -3.15
N VAL A 32 -29.49 2.81 -2.41
CA VAL A 32 -30.05 2.80 -1.08
C VAL A 32 -29.00 2.66 -0.01
N ASP A 33 -29.01 3.61 0.92
CA ASP A 33 -28.10 3.61 2.05
C ASP A 33 -28.55 2.46 2.92
N MET A 34 -27.84 1.34 2.85
CA MET A 34 -28.20 0.16 3.63
C MET A 34 -28.23 0.47 5.13
N ALA A 35 -27.36 1.35 5.56
CA ALA A 35 -27.31 1.72 6.97
C ALA A 35 -28.60 2.43 7.39
N LYS A 36 -28.82 3.64 6.87
CA LYS A 36 -30.03 4.40 7.22
C LYS A 36 -31.31 3.93 6.54
N LYS A 37 -31.21 2.99 5.61
CA LYS A 37 -32.39 2.51 4.92
C LYS A 37 -33.12 3.74 4.35
N GLU A 38 -32.43 4.43 3.46
CA GLU A 38 -32.96 5.62 2.83
C GLU A 38 -32.55 5.67 1.37
N THR A 39 -33.52 5.88 0.50
CA THR A 39 -33.25 5.96 -0.92
C THR A 39 -32.46 7.24 -1.18
N VAL A 40 -31.31 7.13 -1.84
CA VAL A 40 -30.49 8.29 -2.14
C VAL A 40 -30.43 8.54 -3.64
N TRP A 41 -30.92 9.69 -4.08
CA TRP A 41 -30.93 10.02 -5.51
C TRP A 41 -29.65 10.72 -5.98
N ARG A 42 -29.11 10.24 -7.10
CA ARG A 42 -27.89 10.81 -7.65
C ARG A 42 -28.05 12.30 -7.82
N LEU A 43 -29.19 12.72 -8.37
CA LEU A 43 -29.49 14.14 -8.53
C LEU A 43 -30.66 14.48 -7.60
N GLU A 44 -30.44 15.51 -6.77
CA GLU A 44 -31.43 15.97 -5.79
C GLU A 44 -32.82 16.12 -6.42
N GLU A 45 -32.87 16.34 -7.72
CA GLU A 45 -34.13 16.52 -8.43
C GLU A 45 -34.98 15.27 -8.58
N PHE A 46 -34.39 14.20 -9.09
CA PHE A 46 -35.10 12.95 -9.31
C PHE A 46 -36.08 12.68 -8.17
N GLY A 47 -35.67 13.01 -6.95
CA GLY A 47 -36.53 12.79 -5.79
C GLY A 47 -37.96 13.27 -5.96
N ARG A 48 -38.14 14.46 -6.51
CA ARG A 48 -39.47 15.00 -6.70
C ARG A 48 -40.27 14.30 -7.79
N PHE A 49 -39.58 13.62 -8.71
CA PHE A 49 -40.23 12.94 -9.83
C PHE A 49 -40.64 11.48 -9.59
N ALA A 50 -39.74 10.69 -9.01
CA ALA A 50 -40.01 9.28 -8.77
C ALA A 50 -39.82 8.95 -7.32
N SER A 51 -40.19 7.74 -6.93
CA SER A 51 -40.09 7.32 -5.54
C SER A 51 -39.60 5.88 -5.44
N PHE A 52 -38.88 5.55 -4.36
CA PHE A 52 -38.39 4.19 -4.17
C PHE A 52 -38.43 3.73 -2.74
N GLU A 53 -39.10 2.59 -2.52
CA GLU A 53 -39.24 2.04 -1.19
C GLU A 53 -37.94 1.35 -0.80
N ALA A 54 -37.12 2.06 -0.02
CA ALA A 54 -35.82 1.56 0.43
C ALA A 54 -35.83 0.13 0.97
N GLN A 55 -36.87 -0.22 1.73
CA GLN A 55 -36.97 -1.56 2.29
C GLN A 55 -36.81 -2.64 1.24
N GLY A 56 -37.22 -2.32 0.02
CA GLY A 56 -37.14 -3.28 -1.07
C GLY A 56 -35.71 -3.73 -1.30
N ALA A 57 -34.79 -2.78 -1.18
CA ALA A 57 -33.37 -3.07 -1.36
C ALA A 57 -32.85 -3.97 -0.23
N LEU A 58 -33.25 -3.67 1.01
CA LEU A 58 -32.79 -4.47 2.14
C LEU A 58 -33.15 -5.94 1.97
N ALA A 59 -34.43 -6.20 1.66
CA ALA A 59 -34.92 -7.57 1.44
C ALA A 59 -34.08 -8.31 0.39
N ASN A 60 -33.73 -7.59 -0.68
CA ASN A 60 -32.94 -8.13 -1.78
C ASN A 60 -31.53 -8.49 -1.31
N ILE A 61 -30.90 -7.59 -0.57
CA ILE A 61 -29.59 -7.86 -0.05
C ILE A 61 -29.61 -9.17 0.73
N ALA A 62 -30.63 -9.35 1.56
CA ALA A 62 -30.76 -10.58 2.34
C ALA A 62 -30.69 -11.80 1.43
N VAL A 63 -31.32 -11.70 0.25
CA VAL A 63 -31.30 -12.81 -0.70
C VAL A 63 -29.88 -13.03 -1.26
N ASP A 64 -29.26 -11.95 -1.71
CA ASP A 64 -27.90 -12.03 -2.23
C ASP A 64 -27.01 -12.66 -1.17
N LYS A 65 -27.07 -12.16 0.05
CA LYS A 65 -26.25 -12.69 1.14
C LYS A 65 -26.41 -14.21 1.30
N ALA A 66 -27.64 -14.70 1.21
CA ALA A 66 -27.90 -16.13 1.39
C ALA A 66 -27.34 -16.97 0.24
N ASN A 67 -27.40 -16.45 -0.98
CA ASN A 67 -26.88 -17.17 -2.12
C ASN A 67 -25.37 -17.20 -2.04
N LEU A 68 -24.79 -16.12 -1.52
CA LEU A 68 -23.35 -16.03 -1.40
C LEU A 68 -22.85 -17.13 -0.47
N GLU A 69 -23.52 -17.29 0.66
CA GLU A 69 -23.11 -18.30 1.63
C GLU A 69 -23.15 -19.68 0.99
N ILE A 70 -24.20 -19.96 0.23
CA ILE A 70 -24.32 -21.26 -0.42
C ILE A 70 -23.35 -21.41 -1.57
N MET A 71 -23.31 -20.44 -2.48
CA MET A 71 -22.38 -20.51 -3.62
C MET A 71 -20.93 -20.57 -3.17
N THR A 72 -20.64 -19.91 -2.05
CA THR A 72 -19.29 -19.89 -1.50
C THR A 72 -18.88 -21.30 -1.08
N LYS A 73 -19.84 -22.08 -0.62
CA LYS A 73 -19.53 -23.45 -0.22
C LYS A 73 -19.41 -24.35 -1.43
N ARG A 74 -20.44 -24.35 -2.29
CA ARG A 74 -20.40 -25.19 -3.47
C ARG A 74 -19.39 -24.78 -4.51
N SER A 75 -18.34 -24.09 -4.09
CA SER A 75 -17.29 -23.69 -5.02
C SER A 75 -15.95 -23.82 -4.30
N ASN A 76 -15.88 -24.81 -3.42
CA ASN A 76 -14.69 -25.09 -2.62
C ASN A 76 -14.05 -23.83 -2.07
N TYR A 77 -14.88 -22.85 -1.72
CA TYR A 77 -14.40 -21.61 -1.14
C TYR A 77 -13.31 -20.86 -1.89
N THR A 78 -13.33 -20.93 -3.22
CA THR A 78 -12.31 -20.22 -3.99
C THR A 78 -12.53 -18.70 -3.81
N PRO A 79 -11.47 -17.96 -3.47
CA PRO A 79 -11.58 -16.51 -3.28
C PRO A 79 -11.70 -15.78 -4.60
N ILE A 80 -11.98 -14.48 -4.52
CA ILE A 80 -12.10 -13.66 -5.73
C ILE A 80 -10.69 -13.18 -6.08
N THR A 81 -10.42 -12.99 -7.37
CA THR A 81 -9.11 -12.53 -7.79
C THR A 81 -9.08 -11.01 -7.86
N ASN A 82 -8.26 -10.39 -7.01
CA ASN A 82 -8.16 -8.93 -7.00
C ASN A 82 -7.74 -8.41 -8.37
N VAL A 83 -8.40 -7.35 -8.81
CA VAL A 83 -8.07 -6.73 -10.09
C VAL A 83 -7.87 -5.24 -9.81
N PRO A 84 -6.61 -4.80 -9.80
CA PRO A 84 -6.22 -3.41 -9.56
C PRO A 84 -6.91 -2.42 -10.50
N PRO A 85 -7.29 -1.25 -9.98
CA PRO A 85 -7.97 -0.23 -10.78
C PRO A 85 -7.10 0.68 -11.64
N GLU A 86 -7.71 1.18 -12.72
CA GLU A 86 -7.08 2.12 -13.62
C GLU A 86 -7.66 3.43 -13.06
N VAL A 87 -6.84 4.45 -12.90
CA VAL A 87 -7.32 5.71 -12.37
C VAL A 87 -7.05 6.80 -13.39
N THR A 88 -7.92 7.82 -13.40
CA THR A 88 -7.82 8.93 -14.33
C THR A 88 -8.31 10.20 -13.65
N VAL A 89 -7.65 11.31 -13.89
CA VAL A 89 -8.08 12.57 -13.30
C VAL A 89 -8.40 13.57 -14.39
N LEU A 90 -9.52 14.27 -14.24
CA LEU A 90 -9.92 15.26 -15.23
C LEU A 90 -10.75 16.36 -14.58
N THR A 91 -10.79 17.51 -15.23
CA THR A 91 -11.55 18.65 -14.71
C THR A 91 -12.94 18.63 -15.30
N ASN A 92 -13.88 19.24 -14.61
CA ASN A 92 -15.26 19.29 -15.07
C ASN A 92 -15.31 20.03 -16.40
N SER A 93 -14.59 21.14 -16.47
CA SER A 93 -14.54 21.95 -17.67
C SER A 93 -13.17 22.58 -17.84
N PRO A 94 -12.92 23.25 -18.97
CA PRO A 94 -11.62 23.89 -19.23
C PRO A 94 -11.23 24.78 -18.05
N VAL A 95 -10.03 24.58 -17.52
CA VAL A 95 -9.54 25.34 -16.36
C VAL A 95 -9.16 26.79 -16.62
N GLU A 96 -9.74 27.68 -15.80
CA GLU A 96 -9.49 29.10 -15.89
C GLU A 96 -9.10 29.59 -14.50
N LEU A 97 -7.94 30.22 -14.40
CA LEU A 97 -7.43 30.70 -13.12
C LEU A 97 -8.42 31.47 -12.27
N ARG A 98 -8.67 30.95 -11.06
CA ARG A 98 -9.57 31.55 -10.08
C ARG A 98 -11.04 31.47 -10.50
N GLU A 99 -11.36 30.50 -11.34
CA GLU A 99 -12.71 30.31 -11.83
C GLU A 99 -13.18 28.91 -11.40
N PRO A 100 -14.05 28.83 -10.38
CA PRO A 100 -14.55 27.55 -9.87
C PRO A 100 -14.61 26.43 -10.90
N ASN A 101 -14.07 25.27 -10.54
CA ASN A 101 -14.04 24.10 -11.41
C ASN A 101 -14.17 22.87 -10.54
N VAL A 102 -13.99 21.70 -11.13
CA VAL A 102 -14.11 20.46 -10.40
C VAL A 102 -13.14 19.39 -10.87
N LEU A 103 -12.43 18.78 -9.92
CA LEU A 103 -11.52 17.70 -10.25
C LEU A 103 -12.33 16.41 -10.16
N ILE A 104 -12.13 15.54 -11.14
CA ILE A 104 -12.85 14.27 -11.20
C ILE A 104 -11.87 13.12 -11.18
N CYS A 105 -12.06 12.23 -10.22
CA CYS A 105 -11.21 11.07 -10.11
C CYS A 105 -12.04 9.86 -10.51
N PHE A 106 -11.71 9.29 -11.66
CA PHE A 106 -12.47 8.15 -12.16
C PHE A 106 -11.71 6.84 -12.00
N ILE A 107 -12.14 6.04 -11.03
CA ILE A 107 -11.55 4.74 -10.71
C ILE A 107 -12.37 3.74 -11.51
N ASP A 108 -11.72 2.95 -12.35
CA ASP A 108 -12.41 1.98 -13.21
C ASP A 108 -11.75 0.60 -13.34
N LYS A 109 -12.56 -0.39 -13.72
CA LYS A 109 -12.11 -1.77 -13.93
C LYS A 109 -11.45 -2.45 -12.73
N PHE A 110 -12.10 -2.41 -11.57
CA PHE A 110 -11.55 -3.04 -10.37
C PHE A 110 -12.56 -3.95 -9.66
N THR A 111 -12.03 -4.86 -8.85
CA THR A 111 -12.83 -5.78 -8.05
C THR A 111 -11.88 -6.51 -7.11
N PRO A 112 -12.34 -6.88 -5.91
CA PRO A 112 -13.69 -6.67 -5.36
C PRO A 112 -14.01 -5.20 -5.26
N PRO A 113 -15.27 -4.87 -4.95
CA PRO A 113 -15.68 -3.46 -4.83
C PRO A 113 -15.37 -2.82 -3.47
N VAL A 114 -14.08 -2.57 -3.20
CA VAL A 114 -13.64 -1.93 -1.96
C VAL A 114 -12.45 -1.01 -2.31
N VAL A 115 -12.49 0.23 -1.82
CA VAL A 115 -11.41 1.18 -2.11
C VAL A 115 -11.36 2.35 -1.12
N ASN A 116 -10.15 2.81 -0.82
CA ASN A 116 -10.00 3.97 0.06
C ASN A 116 -9.48 5.07 -0.87
N VAL A 117 -10.30 6.10 -1.06
CA VAL A 117 -9.94 7.20 -1.94
C VAL A 117 -9.79 8.50 -1.16
N THR A 118 -8.70 9.22 -1.39
CA THR A 118 -8.45 10.49 -0.70
C THR A 118 -7.96 11.58 -1.66
N TRP A 119 -8.33 12.83 -1.38
CA TRP A 119 -7.89 13.92 -2.22
C TRP A 119 -6.71 14.64 -1.54
N LEU A 120 -5.59 14.75 -2.26
CA LEU A 120 -4.41 15.43 -1.75
C LEU A 120 -4.18 16.74 -2.50
N ARG A 121 -3.92 17.82 -1.75
CA ARG A 121 -3.65 19.12 -2.35
C ARG A 121 -2.35 19.63 -1.73
N ASN A 122 -1.26 19.56 -2.49
CA ASN A 122 0.05 19.98 -2.00
C ASN A 122 0.41 19.09 -0.81
N GLY A 123 0.14 17.80 -0.93
CA GLY A 123 0.45 16.89 0.15
C GLY A 123 -0.68 16.72 1.14
N LYS A 124 -1.08 17.81 1.79
CA LYS A 124 -2.17 17.76 2.77
C LYS A 124 -3.50 17.28 2.15
N PRO A 125 -4.16 16.30 2.80
CA PRO A 125 -5.44 15.75 2.34
C PRO A 125 -6.61 16.71 2.56
N VAL A 126 -7.40 16.95 1.51
CA VAL A 126 -8.52 17.85 1.63
C VAL A 126 -9.79 17.03 1.72
N THR A 127 -10.81 17.62 2.33
CA THR A 127 -12.09 16.94 2.50
C THR A 127 -13.21 17.97 2.50
N THR A 128 -12.87 19.20 2.15
CA THR A 128 -13.85 20.26 2.14
C THR A 128 -14.64 20.33 0.83
N GLY A 129 -15.88 19.87 0.89
CA GLY A 129 -16.76 19.89 -0.27
C GLY A 129 -16.62 18.70 -1.19
N VAL A 130 -15.88 17.69 -0.77
CA VAL A 130 -15.70 16.52 -1.63
C VAL A 130 -17.00 15.73 -1.70
N SER A 131 -17.09 14.85 -2.69
CA SER A 131 -18.26 14.00 -2.87
C SER A 131 -17.85 12.78 -3.69
N GLU A 132 -18.71 11.76 -3.68
CA GLU A 132 -18.45 10.53 -4.41
C GLU A 132 -19.72 9.79 -4.81
N THR A 133 -19.54 8.68 -5.53
CA THR A 133 -20.66 7.89 -5.97
C THR A 133 -20.41 6.47 -5.50
N VAL A 134 -21.46 5.70 -5.26
CA VAL A 134 -21.30 4.32 -4.85
C VAL A 134 -20.63 3.59 -6.01
N PHE A 135 -20.53 2.27 -5.95
CA PHE A 135 -19.88 1.55 -7.05
C PHE A 135 -20.85 1.35 -8.21
N LEU A 136 -20.37 1.63 -9.42
CA LEU A 136 -21.19 1.52 -10.63
C LEU A 136 -20.78 0.33 -11.46
N PRO A 137 -21.75 -0.34 -12.10
CA PRO A 137 -21.52 -1.53 -12.93
C PRO A 137 -20.78 -1.33 -14.25
N ARG A 138 -20.41 -2.46 -14.85
CA ARG A 138 -19.68 -2.53 -16.13
C ARG A 138 -20.04 -3.81 -16.87
N GLU A 139 -19.87 -3.78 -18.19
CA GLU A 139 -20.14 -4.92 -19.07
C GLU A 139 -19.37 -6.16 -18.61
N ASP A 140 -18.10 -5.94 -18.25
CA ASP A 140 -17.19 -7.00 -17.81
C ASP A 140 -17.38 -7.44 -16.36
N HIS A 141 -18.38 -6.89 -15.70
CA HIS A 141 -18.67 -7.24 -14.32
C HIS A 141 -17.61 -6.81 -13.33
N LEU A 142 -17.02 -5.65 -13.62
CA LEU A 142 -16.03 -5.03 -12.78
C LEU A 142 -16.70 -3.76 -12.25
N PHE A 143 -15.95 -2.85 -11.64
CA PHE A 143 -16.57 -1.66 -11.10
C PHE A 143 -15.94 -0.33 -11.46
N ARG A 144 -16.75 0.71 -11.34
CA ARG A 144 -16.35 2.08 -11.65
C ARG A 144 -16.79 2.91 -10.44
N LYS A 145 -16.09 4.00 -10.16
CA LYS A 145 -16.43 4.87 -9.04
C LYS A 145 -15.91 6.26 -9.36
N PHE A 146 -16.68 7.27 -8.95
CA PHE A 146 -16.28 8.66 -9.17
C PHE A 146 -16.13 9.40 -7.85
N HIS A 147 -15.15 10.30 -7.79
CA HIS A 147 -14.94 11.14 -6.62
C HIS A 147 -14.80 12.55 -7.15
N TYR A 148 -15.42 13.50 -6.46
CA TYR A 148 -15.36 14.87 -6.90
C TYR A 148 -14.75 15.79 -5.88
N LEU A 149 -13.92 16.70 -6.37
CA LEU A 149 -13.24 17.66 -5.55
C LEU A 149 -13.43 19.05 -6.14
N PRO A 150 -14.31 19.86 -5.55
CA PRO A 150 -14.52 21.19 -6.10
C PRO A 150 -13.30 22.03 -5.67
N PHE A 151 -12.73 22.79 -6.60
CA PHE A 151 -11.57 23.61 -6.24
C PHE A 151 -11.52 24.96 -6.94
N LEU A 152 -10.39 25.62 -6.76
CA LEU A 152 -10.12 26.94 -7.35
C LEU A 152 -8.78 26.88 -8.07
N PRO A 153 -8.79 27.00 -9.40
CA PRO A 153 -7.54 26.95 -10.17
C PRO A 153 -6.51 27.96 -9.70
N SER A 154 -5.24 27.56 -9.72
CA SER A 154 -4.15 28.42 -9.29
C SER A 154 -2.85 27.86 -9.87
N THR A 155 -1.82 28.69 -9.97
CA THR A 155 -0.55 28.25 -10.54
C THR A 155 0.29 27.43 -9.54
N GLU A 156 0.08 27.66 -8.24
CA GLU A 156 0.82 26.93 -7.23
C GLU A 156 0.16 25.56 -6.97
N ASP A 157 -0.78 25.52 -6.03
CA ASP A 157 -1.49 24.30 -5.66
C ASP A 157 -1.45 23.14 -6.66
N VAL A 158 -1.05 21.97 -6.18
CA VAL A 158 -1.00 20.76 -6.97
C VAL A 158 -2.04 19.82 -6.37
N TYR A 159 -2.53 18.87 -7.14
CA TYR A 159 -3.52 17.96 -6.60
C TYR A 159 -3.25 16.51 -6.93
N ASP A 160 -3.70 15.64 -6.02
CA ASP A 160 -3.52 14.21 -6.15
C ASP A 160 -4.78 13.45 -5.78
N CYS A 161 -4.98 12.31 -6.41
CA CYS A 161 -6.10 11.44 -6.09
C CYS A 161 -5.43 10.15 -5.64
N ARG A 162 -5.64 9.77 -4.39
CA ARG A 162 -5.04 8.56 -3.82
C ARG A 162 -6.06 7.43 -3.75
N VAL A 163 -5.69 6.27 -4.31
CA VAL A 163 -6.58 5.12 -4.32
C VAL A 163 -5.94 3.86 -3.74
N GLU A 164 -6.47 3.39 -2.60
CA GLU A 164 -5.97 2.19 -1.94
C GLU A 164 -6.87 1.03 -2.36
N HIS A 165 -6.30 0.02 -2.99
CA HIS A 165 -7.08 -1.15 -3.41
C HIS A 165 -6.23 -2.39 -3.26
N TRP A 166 -6.78 -3.39 -2.60
CA TRP A 166 -6.09 -4.65 -2.35
C TRP A 166 -5.41 -5.24 -3.57
N GLY A 167 -5.68 -4.67 -4.74
CA GLY A 167 -5.06 -5.18 -5.95
C GLY A 167 -3.76 -4.43 -6.23
N LEU A 168 -3.62 -3.24 -5.65
CA LEU A 168 -2.44 -2.42 -5.86
C LEU A 168 -1.26 -2.83 -4.98
N ASP A 169 -0.04 -2.52 -5.44
CA ASP A 169 1.18 -2.85 -4.69
C ASP A 169 1.40 -1.80 -3.62
N GLU A 170 0.66 -0.70 -3.72
CA GLU A 170 0.70 0.40 -2.75
C GLU A 170 -0.26 1.48 -3.24
N PRO A 171 -0.61 2.44 -2.37
CA PRO A 171 -1.52 3.49 -2.80
C PRO A 171 -1.16 4.06 -4.17
N LEU A 172 -2.17 4.20 -5.02
CA LEU A 172 -1.97 4.72 -6.37
C LEU A 172 -2.33 6.20 -6.45
N LEU A 173 -1.40 7.03 -6.90
CA LEU A 173 -1.66 8.45 -7.01
C LEU A 173 -1.66 8.96 -8.43
N LYS A 174 -2.75 9.59 -8.84
CA LYS A 174 -2.82 10.18 -10.17
C LYS A 174 -2.79 11.67 -9.94
N HIS A 175 -1.75 12.28 -10.48
CA HIS A 175 -1.45 13.70 -10.34
C HIS A 175 -2.18 14.66 -11.29
N TRP A 176 -2.34 15.90 -10.84
CA TRP A 176 -2.97 16.94 -11.63
C TRP A 176 -2.50 18.33 -11.21
N GLU A 177 -2.02 19.11 -12.17
CA GLU A 177 -1.57 20.46 -11.86
C GLU A 177 -1.81 21.39 -13.04
N PHE A 178 -1.86 22.68 -12.75
CA PHE A 178 -2.06 23.71 -13.75
C PHE A 178 -0.70 23.99 -14.39
N ASP A 179 -0.69 24.30 -15.68
CA ASP A 179 0.57 24.58 -16.36
C ASP A 179 0.81 26.09 -16.54
N THR B 1 -4.88 -8.95 4.37
CA THR B 1 -6.29 -9.25 4.78
C THR B 1 -6.69 -10.69 4.47
N ARG B 2 -7.98 -10.99 4.63
CA ARG B 2 -8.50 -12.33 4.38
C ARG B 2 -9.21 -12.37 3.04
N PRO B 3 -9.39 -13.57 2.47
CA PRO B 3 -10.05 -13.74 1.17
C PRO B 3 -11.47 -13.18 1.18
N ARG B 4 -11.85 -12.52 0.08
CA ARG B 4 -13.18 -11.96 -0.04
C ARG B 4 -14.00 -12.84 -0.97
N PHE B 5 -15.28 -12.95 -0.65
CA PHE B 5 -16.21 -13.75 -1.45
C PHE B 5 -17.31 -12.76 -1.84
N LEU B 6 -17.62 -12.71 -3.14
CA LEU B 6 -18.60 -11.76 -3.65
C LEU B 6 -19.78 -12.32 -4.42
N GLU B 7 -20.97 -11.80 -4.12
CA GLU B 7 -22.20 -12.23 -4.81
C GLU B 7 -22.77 -11.02 -5.57
N LEU B 8 -22.93 -11.17 -6.89
CA LEU B 8 -23.43 -10.09 -7.73
C LEU B 8 -24.76 -10.40 -8.38
N LEU B 9 -25.64 -9.43 -8.37
CA LEU B 9 -26.95 -9.60 -9.01
C LEU B 9 -27.21 -8.42 -9.95
N LYS B 10 -27.68 -8.73 -11.16
CA LYS B 10 -27.98 -7.70 -12.12
C LYS B 10 -29.30 -7.94 -12.81
N SER B 11 -30.20 -6.98 -12.69
CA SER B 11 -31.52 -7.04 -13.32
C SER B 11 -31.42 -6.01 -14.44
N GLU B 12 -31.34 -6.49 -15.69
CA GLU B 12 -31.23 -5.61 -16.85
C GLU B 12 -32.47 -5.55 -17.73
N CYS B 13 -32.78 -4.34 -18.18
CA CYS B 13 -33.92 -4.09 -19.08
C CYS B 13 -33.39 -3.31 -20.28
N HIS B 14 -33.52 -3.91 -21.46
CA HIS B 14 -33.07 -3.32 -22.71
C HIS B 14 -34.28 -2.88 -23.54
N PHE B 15 -34.33 -1.59 -23.86
CA PHE B 15 -35.42 -0.99 -24.63
C PHE B 15 -35.01 -0.59 -26.06
N PHE B 16 -35.85 -0.89 -27.04
CA PHE B 16 -35.58 -0.54 -28.42
C PHE B 16 -36.85 0.11 -28.96
N ASN B 17 -36.71 1.10 -29.83
CA ASN B 17 -37.86 1.80 -30.42
C ASN B 17 -38.91 2.13 -29.35
N GLY B 18 -38.51 2.89 -28.34
CA GLY B 18 -39.44 3.21 -27.26
C GLY B 18 -39.52 1.95 -26.40
N THR B 19 -40.71 1.38 -26.28
CA THR B 19 -40.85 0.15 -25.51
C THR B 19 -41.42 -0.90 -26.43
N GLU B 20 -41.40 -0.63 -27.72
CA GLU B 20 -41.93 -1.56 -28.72
C GLU B 20 -41.36 -2.95 -28.49
N ARG B 21 -40.07 -2.99 -28.16
CA ARG B 21 -39.39 -4.24 -27.86
C ARG B 21 -38.59 -4.08 -26.57
N VAL B 22 -38.75 -5.02 -25.65
CA VAL B 22 -38.05 -4.96 -24.38
C VAL B 22 -37.43 -6.31 -24.06
N ARG B 23 -36.25 -6.27 -23.45
CA ARG B 23 -35.56 -7.48 -23.08
C ARG B 23 -35.16 -7.44 -21.60
N PHE B 24 -35.52 -8.50 -20.88
CA PHE B 24 -35.24 -8.60 -19.45
C PHE B 24 -34.21 -9.67 -19.15
N LEU B 25 -33.16 -9.28 -18.42
CA LEU B 25 -32.10 -10.22 -18.05
C LEU B 25 -31.79 -10.18 -16.57
N GLU B 26 -31.99 -11.31 -15.91
CA GLU B 26 -31.73 -11.46 -14.49
C GLU B 26 -30.49 -12.34 -14.41
N ARG B 27 -29.37 -11.76 -14.02
CA ARG B 27 -28.11 -12.50 -14.00
C ARG B 27 -27.42 -12.64 -12.63
N TYR B 28 -27.02 -13.87 -12.31
CA TYR B 28 -26.37 -14.19 -11.04
C TYR B 28 -24.86 -14.44 -11.16
N PHE B 29 -24.08 -13.70 -10.40
CA PHE B 29 -22.63 -13.87 -10.44
C PHE B 29 -22.02 -14.20 -9.08
N HIS B 30 -20.95 -15.00 -9.10
CA HIS B 30 -20.22 -15.30 -7.88
C HIS B 30 -18.75 -15.05 -8.19
N ASN B 31 -18.13 -14.13 -7.47
CA ASN B 31 -16.73 -13.75 -7.67
C ASN B 31 -16.43 -13.46 -9.12
N GLN B 32 -17.16 -12.51 -9.68
CA GLN B 32 -16.99 -12.12 -11.07
C GLN B 32 -17.36 -13.18 -12.11
N GLU B 33 -18.10 -14.20 -11.72
CA GLU B 33 -18.51 -15.25 -12.68
C GLU B 33 -20.02 -15.49 -12.70
N GLU B 34 -20.65 -15.21 -13.84
CA GLU B 34 -22.08 -15.43 -14.01
C GLU B 34 -22.31 -16.94 -14.16
N PHE B 35 -23.20 -17.49 -13.34
CA PHE B 35 -23.46 -18.94 -13.42
C PHE B 35 -24.86 -19.33 -13.86
N VAL B 36 -25.84 -18.47 -13.63
CA VAL B 36 -27.20 -18.76 -14.06
C VAL B 36 -27.90 -17.45 -14.40
N ARG B 37 -28.81 -17.48 -15.36
CA ARG B 37 -29.52 -16.27 -15.73
C ARG B 37 -30.89 -16.56 -16.33
N PHE B 38 -31.71 -15.52 -16.36
CA PHE B 38 -33.03 -15.61 -16.97
C PHE B 38 -32.98 -14.67 -18.16
N ASP B 39 -33.44 -15.13 -19.29
CA ASP B 39 -33.44 -14.30 -20.48
C ASP B 39 -34.88 -14.33 -21.00
N SER B 40 -35.56 -13.18 -20.98
CA SER B 40 -36.94 -13.14 -21.45
C SER B 40 -37.05 -13.66 -22.87
N ASP B 41 -35.95 -13.58 -23.62
CA ASP B 41 -35.93 -14.06 -25.01
C ASP B 41 -35.97 -15.59 -25.08
N VAL B 42 -35.53 -16.25 -24.02
CA VAL B 42 -35.54 -17.70 -23.96
C VAL B 42 -36.79 -18.15 -23.22
N GLY B 43 -37.21 -17.37 -22.22
CA GLY B 43 -38.40 -17.71 -21.47
C GLY B 43 -38.14 -18.39 -20.13
N GLU B 44 -37.05 -19.15 -20.00
CA GLU B 44 -36.71 -19.85 -18.77
C GLU B 44 -35.27 -19.60 -18.31
N TYR B 45 -34.89 -20.21 -17.19
CA TYR B 45 -33.53 -20.05 -16.65
C TYR B 45 -32.50 -20.91 -17.36
N ARG B 46 -31.26 -20.45 -17.35
CA ARG B 46 -30.17 -21.19 -17.97
C ARG B 46 -28.88 -21.02 -17.19
N ALA B 47 -27.97 -21.98 -17.34
CA ALA B 47 -26.70 -21.92 -16.65
C ALA B 47 -25.65 -21.36 -17.59
N VAL B 48 -24.67 -20.67 -17.03
CA VAL B 48 -23.60 -20.08 -17.82
C VAL B 48 -22.29 -20.80 -17.51
N THR B 49 -22.32 -21.59 -16.45
CA THR B 49 -21.18 -22.38 -16.00
C THR B 49 -21.83 -23.51 -15.22
N GLU B 50 -21.10 -24.60 -15.02
CA GLU B 50 -21.64 -25.78 -14.35
C GLU B 50 -22.35 -25.59 -13.01
N LEU B 51 -21.91 -24.65 -12.20
CA LEU B 51 -22.57 -24.42 -10.92
C LEU B 51 -24.04 -24.05 -11.10
N GLY B 52 -24.40 -23.51 -12.27
CA GLY B 52 -25.77 -23.10 -12.51
C GLY B 52 -26.72 -24.19 -12.96
N ARG B 53 -26.17 -25.20 -13.64
CA ARG B 53 -26.95 -26.31 -14.17
C ARG B 53 -27.97 -26.86 -13.15
N PRO B 54 -27.52 -27.13 -11.91
CA PRO B 54 -28.43 -27.64 -10.88
C PRO B 54 -29.48 -26.60 -10.50
N VAL B 55 -29.05 -25.36 -10.34
CA VAL B 55 -29.93 -24.26 -9.98
C VAL B 55 -31.05 -24.15 -11.01
N ALA B 56 -30.68 -23.94 -12.27
CA ALA B 56 -31.65 -23.81 -13.33
C ALA B 56 -32.68 -24.93 -13.30
N GLU B 57 -32.20 -26.18 -13.20
CA GLU B 57 -33.11 -27.31 -13.18
C GLU B 57 -34.19 -27.18 -12.11
N SER B 58 -33.78 -26.72 -10.93
CA SER B 58 -34.71 -26.55 -9.83
C SER B 58 -35.75 -25.47 -10.14
N TRP B 59 -35.26 -24.27 -10.38
CA TRP B 59 -36.11 -23.13 -10.67
C TRP B 59 -37.09 -23.37 -11.79
N ASN B 60 -36.59 -23.85 -12.93
CA ASN B 60 -37.45 -24.07 -14.08
C ASN B 60 -38.57 -25.08 -13.88
N SER B 61 -38.63 -25.72 -12.72
CA SER B 61 -39.70 -26.68 -12.46
C SER B 61 -40.81 -25.97 -11.68
N GLN B 62 -40.57 -24.72 -11.31
CA GLN B 62 -41.55 -23.91 -10.57
C GLN B 62 -42.31 -23.01 -11.54
N LYS B 63 -43.31 -23.56 -12.22
CA LYS B 63 -44.13 -22.86 -13.20
C LYS B 63 -44.52 -21.45 -12.79
N ASP B 64 -44.90 -21.29 -11.53
CA ASP B 64 -45.28 -19.98 -11.01
C ASP B 64 -44.12 -18.99 -11.12
N LEU B 65 -42.90 -19.50 -10.98
CA LEU B 65 -41.70 -18.67 -11.07
C LEU B 65 -41.47 -18.15 -12.47
N LEU B 66 -41.32 -19.06 -13.43
CA LEU B 66 -41.10 -18.67 -14.81
C LEU B 66 -42.19 -17.71 -15.23
N GLU B 67 -43.44 -18.07 -14.90
CA GLU B 67 -44.58 -17.23 -15.21
C GLU B 67 -44.35 -15.80 -14.73
N GLN B 68 -43.94 -15.64 -13.49
CA GLN B 68 -43.70 -14.32 -12.94
C GLN B 68 -42.57 -13.56 -13.63
N LYS B 69 -41.44 -14.24 -13.88
CA LYS B 69 -40.30 -13.59 -14.54
C LYS B 69 -40.59 -13.21 -15.99
N ARG B 70 -41.49 -13.94 -16.65
CA ARG B 70 -41.83 -13.65 -18.04
C ARG B 70 -42.65 -12.37 -18.15
N GLY B 71 -43.28 -11.97 -17.05
CA GLY B 71 -44.07 -10.75 -17.06
C GLY B 71 -43.23 -9.54 -16.69
N GLN B 72 -42.02 -9.81 -16.19
CA GLN B 72 -41.12 -8.75 -15.78
C GLN B 72 -40.85 -7.67 -16.82
N VAL B 73 -40.85 -8.03 -18.11
CA VAL B 73 -40.64 -7.03 -19.15
C VAL B 73 -41.72 -5.96 -19.03
N ASP B 74 -42.89 -6.37 -18.55
CA ASP B 74 -44.03 -5.46 -18.38
C ASP B 74 -44.12 -4.85 -16.97
N THR B 75 -44.39 -5.67 -15.97
CA THR B 75 -44.52 -5.20 -14.60
C THR B 75 -43.28 -4.52 -14.06
N TYR B 76 -42.10 -4.92 -14.53
CA TYR B 76 -40.84 -4.34 -14.06
C TYR B 76 -40.18 -3.36 -15.03
N CYS B 77 -39.81 -3.86 -16.21
CA CYS B 77 -39.15 -3.05 -17.22
C CYS B 77 -39.99 -1.89 -17.76
N ARG B 78 -41.02 -2.19 -18.55
CA ARG B 78 -41.86 -1.15 -19.12
C ARG B 78 -42.50 -0.24 -18.04
N HIS B 79 -42.66 -0.76 -16.82
CA HIS B 79 -43.26 0.05 -15.76
C HIS B 79 -42.27 1.10 -15.30
N ASN B 80 -41.09 0.62 -14.90
CA ASN B 80 -40.06 1.53 -14.43
C ASN B 80 -39.72 2.53 -15.52
N TYR B 81 -39.73 2.09 -16.77
CA TYR B 81 -39.44 2.97 -17.88
C TYR B 81 -40.40 4.16 -17.88
N GLY B 82 -41.67 3.89 -17.59
CA GLY B 82 -42.65 4.95 -17.54
C GLY B 82 -42.45 5.85 -16.34
N VAL B 83 -41.91 5.31 -15.26
CA VAL B 83 -41.68 6.11 -14.07
C VAL B 83 -40.45 7.03 -14.13
N VAL B 84 -39.47 6.73 -14.97
CA VAL B 84 -38.28 7.59 -15.01
C VAL B 84 -38.04 8.36 -16.31
N GLU B 85 -38.74 7.95 -17.37
CA GLU B 85 -38.60 8.58 -18.68
C GLU B 85 -38.45 10.11 -18.73
N SER B 86 -39.37 10.81 -18.08
CA SER B 86 -39.35 12.28 -18.11
C SER B 86 -38.03 12.91 -17.67
N PHE B 87 -37.26 12.23 -16.83
CA PHE B 87 -35.99 12.81 -16.38
C PHE B 87 -34.73 12.04 -16.74
N THR B 88 -34.86 11.09 -17.66
CA THR B 88 -33.69 10.32 -18.10
C THR B 88 -33.70 10.22 -19.62
N VAL B 89 -34.66 9.50 -20.16
CA VAL B 89 -34.78 9.37 -21.60
C VAL B 89 -34.96 10.75 -22.23
N GLN B 90 -35.72 11.62 -21.56
CA GLN B 90 -35.98 12.94 -22.09
C GLN B 90 -34.95 13.98 -21.69
N ARG B 91 -34.17 13.68 -20.64
CA ARG B 91 -33.16 14.60 -20.15
C ARG B 91 -32.33 15.18 -21.29
N ARG B 92 -32.15 16.51 -21.28
CA ARG B 92 -31.38 17.19 -22.30
C ARG B 92 -30.70 18.46 -21.82
N VAL B 93 -29.37 18.44 -21.80
CA VAL B 93 -28.59 19.60 -21.34
C VAL B 93 -27.69 20.05 -22.48
N HIS B 94 -27.73 21.35 -22.82
CA HIS B 94 -26.91 21.87 -23.92
C HIS B 94 -25.42 21.93 -23.63
N PRO B 95 -24.60 21.59 -24.65
CA PRO B 95 -23.15 21.57 -24.62
C PRO B 95 -22.53 22.93 -24.49
N GLN B 96 -21.46 22.99 -23.72
CA GLN B 96 -20.74 24.23 -23.51
C GLN B 96 -19.48 24.02 -24.36
N VAL B 97 -19.30 24.89 -25.36
CA VAL B 97 -18.18 24.77 -26.27
C VAL B 97 -17.21 25.95 -26.26
N THR B 98 -15.92 25.63 -26.18
CA THR B 98 -14.88 26.65 -26.17
C THR B 98 -13.71 26.17 -27.02
N VAL B 99 -13.06 27.11 -27.68
CA VAL B 99 -11.92 26.80 -28.52
C VAL B 99 -10.70 27.57 -28.04
N TYR B 100 -9.52 26.97 -28.20
CA TYR B 100 -8.28 27.61 -27.79
C TYR B 100 -7.08 26.88 -28.36
N PRO B 101 -5.94 27.58 -28.51
CA PRO B 101 -4.71 27.00 -29.05
C PRO B 101 -3.93 26.25 -27.97
N ALA B 102 -3.35 25.12 -28.36
CA ALA B 102 -2.58 24.30 -27.44
C ALA B 102 -1.12 24.21 -27.90
N LYS B 103 -0.27 23.71 -27.01
CA LYS B 103 1.17 23.56 -27.28
C LYS B 103 1.73 24.98 -27.23
N THR B 104 2.80 25.24 -28.00
CA THR B 104 3.41 26.57 -28.03
C THR B 104 4.75 26.66 -28.77
N GLN B 105 4.76 27.42 -29.87
CA GLN B 105 5.95 27.65 -30.68
C GLN B 105 5.74 28.92 -31.52
N PRO B 106 6.80 29.75 -31.64
CA PRO B 106 6.80 31.01 -32.40
C PRO B 106 6.15 30.96 -33.79
N LEU B 107 6.15 32.08 -34.49
CA LEU B 107 5.55 32.17 -35.82
C LEU B 107 6.17 31.16 -36.80
N GLN B 108 5.36 30.68 -37.73
CA GLN B 108 5.81 29.72 -38.74
C GLN B 108 6.36 28.44 -38.09
N HIS B 109 5.51 27.74 -37.34
CA HIS B 109 5.90 26.50 -36.68
C HIS B 109 4.70 25.63 -36.28
N HIS B 110 4.92 24.68 -35.38
CA HIS B 110 3.88 23.77 -34.92
C HIS B 110 2.82 24.46 -34.06
N ASN B 111 1.58 24.00 -34.18
CA ASN B 111 0.47 24.54 -33.43
C ASN B 111 -0.74 23.63 -33.53
N LEU B 112 -1.54 23.58 -32.46
CA LEU B 112 -2.75 22.77 -32.43
C LEU B 112 -3.94 23.60 -31.99
N LEU B 113 -5.13 23.13 -32.33
CA LEU B 113 -6.32 23.85 -31.95
C LEU B 113 -7.21 22.90 -31.15
N VAL B 114 -7.82 23.42 -30.10
CA VAL B 114 -8.66 22.60 -29.24
C VAL B 114 -10.13 23.05 -29.18
N CYS B 115 -11.03 22.08 -29.24
CA CYS B 115 -12.44 22.35 -29.12
C CYS B 115 -12.90 21.54 -27.91
N SER B 116 -13.27 22.23 -26.83
CA SER B 116 -13.73 21.58 -25.62
C SER B 116 -15.25 21.69 -25.49
N VAL B 117 -15.92 20.55 -25.60
CA VAL B 117 -17.37 20.45 -25.49
C VAL B 117 -17.67 19.76 -24.16
N SER B 118 -18.39 20.42 -23.25
CA SER B 118 -18.66 19.82 -21.95
C SER B 118 -20.01 20.13 -21.31
N GLY B 119 -20.40 19.26 -20.36
CA GLY B 119 -21.65 19.44 -19.66
C GLY B 119 -22.93 19.11 -20.41
N PHE B 120 -22.83 18.23 -21.39
CA PHE B 120 -24.00 17.87 -22.17
C PHE B 120 -24.58 16.51 -21.86
N TYR B 121 -25.83 16.32 -22.24
CA TYR B 121 -26.53 15.06 -22.02
C TYR B 121 -27.70 14.99 -23.00
N PRO B 122 -27.89 13.83 -23.66
CA PRO B 122 -27.12 12.58 -23.59
C PRO B 122 -25.70 12.71 -24.12
N GLY B 123 -25.02 11.58 -24.20
CA GLY B 123 -23.65 11.55 -24.69
C GLY B 123 -23.55 11.60 -26.19
N SER B 124 -24.55 11.05 -26.87
CA SER B 124 -24.56 11.05 -28.34
C SER B 124 -24.33 12.49 -28.82
N ILE B 125 -23.20 12.73 -29.47
CA ILE B 125 -22.87 14.07 -29.91
C ILE B 125 -21.94 14.01 -31.13
N GLU B 126 -22.04 15.03 -31.98
CA GLU B 126 -21.19 15.07 -33.16
C GLU B 126 -20.39 16.37 -33.21
N VAL B 127 -19.12 16.26 -33.57
CA VAL B 127 -18.23 17.41 -33.61
C VAL B 127 -17.40 17.40 -34.88
N ARG B 128 -17.32 18.55 -35.54
CA ARG B 128 -16.53 18.65 -36.76
C ARG B 128 -15.61 19.86 -36.72
N TRP B 129 -14.67 19.93 -37.67
CA TRP B 129 -13.73 21.04 -37.74
C TRP B 129 -13.71 21.61 -39.14
N PHE B 130 -13.87 22.93 -39.24
CA PHE B 130 -13.86 23.61 -40.53
C PHE B 130 -12.75 24.66 -40.59
N ARG B 131 -12.25 24.90 -41.79
CA ARG B 131 -11.19 25.87 -42.03
C ARG B 131 -11.59 26.70 -43.26
N ASN B 132 -11.95 27.96 -43.02
CA ASN B 132 -12.40 28.86 -44.09
C ASN B 132 -13.62 28.25 -44.78
N GLY B 133 -14.44 27.56 -43.99
CA GLY B 133 -15.64 26.95 -44.55
C GLY B 133 -15.48 25.49 -44.95
N GLN B 134 -14.31 25.13 -45.45
CA GLN B 134 -14.07 23.74 -45.86
C GLN B 134 -13.95 22.86 -44.62
N GLU B 135 -14.52 21.66 -44.68
CA GLU B 135 -14.45 20.74 -43.54
C GLU B 135 -13.07 20.07 -43.49
N GLU B 136 -12.48 20.05 -42.31
CA GLU B 136 -11.18 19.42 -42.12
C GLU B 136 -11.38 17.96 -41.75
N LYS B 137 -10.76 17.06 -42.49
CA LYS B 137 -10.87 15.64 -42.21
C LYS B 137 -9.49 14.99 -42.11
N THR B 138 -8.50 15.73 -41.65
CA THR B 138 -7.18 15.14 -41.52
C THR B 138 -6.62 15.19 -40.10
N GLY B 139 -5.90 16.26 -39.77
CA GLY B 139 -5.30 16.38 -38.45
C GLY B 139 -6.23 16.49 -37.25
N VAL B 140 -7.21 15.58 -37.16
CA VAL B 140 -8.13 15.61 -36.03
C VAL B 140 -8.03 14.37 -35.15
N VAL B 141 -7.83 14.61 -33.86
CA VAL B 141 -7.75 13.54 -32.88
C VAL B 141 -8.74 13.90 -31.78
N SER B 142 -9.46 12.90 -31.30
CA SER B 142 -10.45 13.13 -30.25
C SER B 142 -10.24 12.23 -29.04
N THR B 143 -10.64 12.73 -27.89
CA THR B 143 -10.53 11.98 -26.65
C THR B 143 -11.66 10.94 -26.69
N GLY B 144 -12.72 11.26 -27.43
CA GLY B 144 -13.86 10.36 -27.50
C GLY B 144 -14.82 10.75 -26.39
N LEU B 145 -15.96 10.08 -26.31
CA LEU B 145 -16.93 10.41 -25.28
C LEU B 145 -16.30 10.23 -23.90
N ILE B 146 -16.60 11.14 -22.97
CA ILE B 146 -16.06 11.05 -21.61
C ILE B 146 -17.11 11.32 -20.57
N HIS B 147 -17.43 10.28 -19.81
CA HIS B 147 -18.42 10.35 -18.75
C HIS B 147 -17.87 11.18 -17.61
N ASN B 148 -18.75 11.81 -16.84
CA ASN B 148 -18.33 12.62 -15.72
C ASN B 148 -18.96 12.06 -14.45
N GLY B 149 -19.77 11.01 -14.63
CA GLY B 149 -20.45 10.36 -13.52
C GLY B 149 -21.52 11.19 -12.83
N ASP B 150 -21.92 12.32 -13.43
CA ASP B 150 -22.94 13.18 -12.84
C ASP B 150 -23.98 13.59 -13.89
N TRP B 151 -24.37 12.63 -14.71
CA TRP B 151 -25.35 12.86 -15.76
C TRP B 151 -24.94 13.94 -16.77
N THR B 152 -23.66 13.98 -17.08
CA THR B 152 -23.12 14.94 -18.04
C THR B 152 -21.86 14.36 -18.66
N PHE B 153 -21.63 14.63 -19.94
CA PHE B 153 -20.43 14.14 -20.62
C PHE B 153 -19.57 15.32 -21.03
N GLN B 154 -18.38 15.01 -21.52
CA GLN B 154 -17.48 16.03 -22.00
C GLN B 154 -16.58 15.39 -23.02
N THR B 155 -16.17 16.15 -24.00
CA THR B 155 -15.31 15.61 -25.04
C THR B 155 -14.33 16.69 -25.46
N LEU B 156 -13.15 16.25 -25.90
CA LEU B 156 -12.14 17.18 -26.32
C LEU B 156 -11.72 16.72 -27.71
N VAL B 157 -11.73 17.64 -28.67
CA VAL B 157 -11.37 17.32 -30.03
C VAL B 157 -10.36 18.31 -30.54
N MET B 158 -9.19 17.81 -30.91
CA MET B 158 -8.12 18.66 -31.40
C MET B 158 -7.91 18.58 -32.90
N LEU B 159 -7.28 19.61 -33.44
CA LEU B 159 -6.97 19.70 -34.85
C LEU B 159 -5.61 20.33 -35.03
N GLU B 160 -4.73 19.65 -35.75
CA GLU B 160 -3.40 20.15 -35.99
C GLU B 160 -3.31 20.83 -37.35
N THR B 161 -3.05 22.13 -37.34
CA THR B 161 -2.91 22.90 -38.56
C THR B 161 -1.89 24.01 -38.35
N VAL B 162 -1.45 24.61 -39.46
CA VAL B 162 -0.49 25.70 -39.39
C VAL B 162 -1.23 27.01 -39.65
N PRO B 163 -1.70 27.67 -38.58
CA PRO B 163 -2.44 28.93 -38.61
C PRO B 163 -1.83 30.05 -39.46
N ARG B 164 -2.65 30.60 -40.36
CA ARG B 164 -2.24 31.70 -41.23
C ARG B 164 -3.10 32.93 -40.94
N SER B 165 -2.49 34.10 -40.98
CA SER B 165 -3.25 35.33 -40.70
C SER B 165 -4.46 35.47 -41.60
N GLY B 166 -5.56 35.90 -41.00
CA GLY B 166 -6.79 36.08 -41.74
C GLY B 166 -7.64 34.83 -41.82
N GLU B 167 -7.13 33.68 -41.37
CA GLU B 167 -7.91 32.44 -41.43
C GLU B 167 -9.00 32.35 -40.36
N VAL B 168 -10.01 31.55 -40.66
CA VAL B 168 -11.11 31.34 -39.72
C VAL B 168 -11.36 29.84 -39.54
N TYR B 169 -11.20 29.40 -38.30
CA TYR B 169 -11.41 28.00 -37.94
C TYR B 169 -12.69 27.90 -37.15
N THR B 170 -13.50 26.90 -37.47
CA THR B 170 -14.78 26.73 -36.79
C THR B 170 -14.98 25.32 -36.26
N CYS B 171 -15.50 25.25 -35.03
CA CYS B 171 -15.82 23.98 -34.40
C CYS B 171 -17.35 23.84 -34.43
N GLN B 172 -17.84 22.72 -34.95
CA GLN B 172 -19.28 22.50 -35.04
C GLN B 172 -19.76 21.30 -34.25
N VAL B 173 -20.72 21.54 -33.36
CA VAL B 173 -21.28 20.50 -32.50
C VAL B 173 -22.76 20.28 -32.78
N GLU B 174 -23.13 19.05 -33.12
CA GLU B 174 -24.53 18.72 -33.36
C GLU B 174 -24.91 17.83 -32.20
N HIS B 175 -26.04 18.15 -31.57
CA HIS B 175 -26.49 17.39 -30.41
C HIS B 175 -28.00 17.52 -30.20
N PRO B 176 -28.62 16.54 -29.53
CA PRO B 176 -30.06 16.54 -29.25
C PRO B 176 -30.59 17.68 -28.40
N SER B 177 -29.71 18.46 -27.78
CA SER B 177 -30.17 19.57 -26.95
C SER B 177 -30.40 20.83 -27.76
N VAL B 178 -29.97 20.80 -29.03
CA VAL B 178 -30.13 21.97 -29.89
C VAL B 178 -30.72 21.66 -31.26
N THR B 179 -31.71 22.46 -31.64
CA THR B 179 -32.40 22.33 -32.92
C THR B 179 -31.43 22.55 -34.06
N SER B 180 -30.59 23.56 -33.89
CA SER B 180 -29.58 23.93 -34.88
C SER B 180 -28.20 23.69 -34.26
N PRO B 181 -27.22 23.27 -35.06
CA PRO B 181 -25.86 23.02 -34.56
C PRO B 181 -25.14 24.24 -34.00
N LEU B 182 -24.40 24.03 -32.91
CA LEU B 182 -23.64 25.11 -32.28
C LEU B 182 -22.29 25.28 -33.00
N THR B 183 -21.79 26.50 -33.01
CA THR B 183 -20.50 26.75 -33.64
C THR B 183 -19.67 27.75 -32.83
N VAL B 184 -18.36 27.52 -32.80
CA VAL B 184 -17.45 28.42 -32.12
C VAL B 184 -16.32 28.62 -33.11
N GLU B 185 -15.99 29.88 -33.35
CA GLU B 185 -14.95 30.21 -34.30
C GLU B 185 -13.70 30.74 -33.62
N TRP B 186 -12.57 30.46 -34.24
CA TRP B 186 -11.26 30.93 -33.77
C TRP B 186 -10.63 31.62 -34.97
N ARG B 187 -10.13 32.83 -34.76
CA ARG B 187 -9.51 33.55 -35.85
C ARG B 187 -8.03 33.73 -35.60
N ALA B 188 -7.24 33.31 -36.59
CA ALA B 188 -5.78 33.36 -36.56
C ALA B 188 -5.15 34.74 -36.77
N GLN C 1 -45.06 6.70 -10.34
CA GLN C 1 -44.60 7.33 -9.08
C GLN C 1 -43.52 6.50 -8.38
N TRP C 2 -43.71 5.18 -8.38
CA TRP C 2 -42.77 4.27 -7.73
C TRP C 2 -41.95 3.36 -8.65
N ILE C 3 -40.66 3.27 -8.34
CA ILE C 3 -39.73 2.42 -9.09
C ILE C 3 -39.84 1.03 -8.46
N ARG C 4 -40.08 0.01 -9.27
CA ARG C 4 -40.23 -1.33 -8.73
C ARG C 4 -38.96 -2.14 -8.72
N VAL C 5 -38.78 -2.94 -7.67
CA VAL C 5 -37.61 -3.79 -7.55
C VAL C 5 -37.89 -5.17 -8.11
N ASN C 6 -36.86 -5.80 -8.66
CA ASN C 6 -37.01 -7.15 -9.17
C ASN C 6 -36.42 -8.05 -8.10
N ILE C 7 -37.27 -8.83 -7.47
CA ILE C 7 -36.86 -9.75 -6.40
C ILE C 7 -36.26 -11.05 -6.93
N PRO C 8 -35.01 -11.32 -6.58
CA PRO C 8 -34.29 -12.53 -7.00
C PRO C 8 -34.69 -13.81 -6.31
N LYS C 9 -34.31 -14.93 -6.90
CA LYS C 9 -34.63 -16.25 -6.37
C LYS C 9 -33.49 -16.76 -5.49
N ARG C 10 -33.84 -17.43 -4.39
CA ARG C 10 -32.86 -18.00 -3.45
C ARG C 10 -32.36 -19.36 -3.94
N ILE C 11 -31.05 -19.54 -4.01
CA ILE C 11 -30.47 -20.82 -4.45
C ILE C 11 -30.54 -21.86 -3.35
N GLU D 1 4.30 1.81 18.11
CA GLU D 1 4.28 1.47 16.66
C GLU D 1 4.33 -0.03 16.50
N GLU D 2 4.55 -0.49 15.28
CA GLU D 2 4.61 -1.92 15.03
C GLU D 2 5.92 -2.29 14.36
N HIS D 3 6.28 -1.54 13.34
CA HIS D 3 7.51 -1.83 12.64
C HIS D 3 8.22 -0.58 12.18
N VAL D 4 9.52 -0.73 11.95
CA VAL D 4 10.35 0.37 11.50
C VAL D 4 11.36 -0.14 10.48
N ILE D 5 11.38 0.48 9.32
CA ILE D 5 12.35 0.07 8.33
C ILE D 5 13.23 1.28 8.14
N ILE D 6 14.53 1.07 8.22
CA ILE D 6 15.46 2.16 8.04
C ILE D 6 16.47 1.94 6.94
N GLN D 7 16.70 3.00 6.17
CA GLN D 7 17.69 2.97 5.10
C GLN D 7 18.82 3.78 5.73
N ALA D 8 19.90 3.11 6.14
CA ALA D 8 21.03 3.80 6.77
C ALA D 8 22.25 3.75 5.86
N GLU D 9 22.81 4.91 5.58
CA GLU D 9 23.99 4.99 4.72
C GLU D 9 25.01 5.93 5.35
N PHE D 10 26.26 5.82 4.92
CA PHE D 10 27.28 6.71 5.44
C PHE D 10 28.53 6.74 4.59
N TYR D 11 29.24 7.84 4.68
CA TYR D 11 30.49 8.00 3.97
C TYR D 11 31.51 8.49 5.00
N LEU D 12 32.75 8.02 4.90
CA LEU D 12 33.78 8.40 5.86
C LEU D 12 35.10 8.86 5.26
N ASN D 13 35.53 10.08 5.59
CA ASN D 13 36.81 10.60 5.12
C ASN D 13 37.75 10.67 6.33
N PRO D 14 39.06 10.51 6.13
CA PRO D 14 39.75 10.27 4.85
C PRO D 14 39.74 8.84 4.31
N ASP D 15 39.28 7.89 5.10
CA ASP D 15 39.25 6.49 4.67
C ASP D 15 38.60 6.27 3.31
N GLN D 16 37.63 7.11 2.97
CA GLN D 16 36.91 7.00 1.71
C GLN D 16 36.10 5.70 1.62
N SER D 17 35.43 5.36 2.71
CA SER D 17 34.62 4.17 2.73
C SER D 17 33.15 4.55 2.96
N GLY D 18 32.26 3.75 2.41
CA GLY D 18 30.85 4.03 2.57
C GLY D 18 30.10 2.72 2.67
N GLU D 19 28.93 2.76 3.30
CA GLU D 19 28.10 1.57 3.46
C GLU D 19 26.64 1.94 3.25
N PHE D 20 25.87 1.01 2.73
CA PHE D 20 24.44 1.26 2.49
C PHE D 20 23.68 0.02 2.87
N MET D 21 22.70 0.15 3.76
CA MET D 21 21.93 -1.01 4.18
C MET D 21 20.51 -0.67 4.63
N PHE D 22 19.69 -1.71 4.74
CA PHE D 22 18.31 -1.57 5.19
C PHE D 22 18.13 -2.37 6.45
N ASP D 23 17.52 -1.74 7.45
CA ASP D 23 17.28 -2.37 8.74
C ASP D 23 15.78 -2.56 8.99
N PHE D 24 15.41 -3.70 9.55
CA PHE D 24 14.02 -3.97 9.90
C PHE D 24 13.99 -4.37 11.39
N ASP D 25 13.48 -3.48 12.24
CA ASP D 25 13.37 -3.72 13.68
C ASP D 25 14.64 -4.18 14.37
N GLY D 26 15.80 -3.77 13.86
CA GLY D 26 17.04 -4.16 14.49
C GLY D 26 17.86 -5.11 13.67
N ASP D 27 17.23 -5.73 12.68
CA ASP D 27 17.93 -6.67 11.82
C ASP D 27 18.27 -6.11 10.44
N GLU D 28 19.29 -6.71 9.81
CA GLU D 28 19.72 -6.30 8.49
C GLU D 28 18.94 -7.10 7.47
N ILE D 29 18.46 -6.44 6.43
CA ILE D 29 17.72 -7.11 5.36
C ILE D 29 18.74 -7.35 4.28
N PHE D 30 19.60 -6.36 4.09
CA PHE D 30 20.64 -6.45 3.07
C PHE D 30 21.50 -5.23 3.15
N HIS D 31 22.62 -5.27 2.44
CA HIS D 31 23.48 -4.10 2.39
C HIS D 31 24.08 -4.15 1.01
N VAL D 32 24.74 -3.07 0.63
CA VAL D 32 25.37 -3.05 -0.67
C VAL D 32 26.84 -2.82 -0.46
N ASP D 33 27.65 -3.71 -1.02
CA ASP D 33 29.10 -3.56 -0.93
C ASP D 33 29.48 -2.54 -2.01
N MET D 34 29.91 -1.35 -1.60
CA MET D 34 30.26 -0.32 -2.58
C MET D 34 31.27 -0.79 -3.62
N ALA D 35 32.42 -1.27 -3.16
CA ALA D 35 33.46 -1.73 -4.07
C ALA D 35 32.94 -2.75 -5.10
N LYS D 36 32.38 -3.85 -4.62
CA LYS D 36 31.90 -4.90 -5.51
C LYS D 36 30.56 -4.60 -6.24
N LYS D 37 29.88 -3.55 -5.80
CA LYS D 37 28.59 -3.15 -6.37
C LYS D 37 27.58 -4.30 -6.35
N GLU D 38 27.62 -5.12 -5.29
CA GLU D 38 26.70 -6.24 -5.20
C GLU D 38 25.78 -6.13 -4.00
N THR D 39 24.52 -6.49 -4.22
CA THR D 39 23.52 -6.48 -3.20
C THR D 39 23.71 -7.79 -2.45
N VAL D 40 23.92 -7.73 -1.14
CA VAL D 40 24.11 -8.94 -0.36
C VAL D 40 23.03 -9.04 0.70
N TRP D 41 22.28 -10.14 0.69
CA TRP D 41 21.21 -10.33 1.66
C TRP D 41 21.67 -10.97 2.98
N ARG D 42 21.15 -10.48 4.10
CA ARG D 42 21.50 -11.04 5.41
C ARG D 42 21.22 -12.54 5.43
N LEU D 43 20.08 -12.94 4.85
CA LEU D 43 19.74 -14.35 4.75
C LEU D 43 19.46 -14.66 3.28
N GLU D 44 20.13 -15.67 2.75
CA GLU D 44 19.98 -16.10 1.36
C GLU D 44 18.52 -16.12 0.91
N GLU D 45 17.66 -16.71 1.73
CA GLU D 45 16.25 -16.79 1.41
C GLU D 45 15.74 -15.46 0.85
N PHE D 46 15.96 -14.38 1.60
CA PHE D 46 15.53 -13.02 1.21
C PHE D 46 15.65 -12.74 -0.28
N GLY D 47 16.84 -13.00 -0.84
CA GLY D 47 17.08 -12.77 -2.26
C GLY D 47 16.12 -13.45 -3.19
N ARG D 48 15.48 -14.51 -2.72
CA ARG D 48 14.53 -15.23 -3.55
C ARG D 48 13.17 -14.55 -3.59
N PHE D 49 12.90 -13.69 -2.61
CA PHE D 49 11.61 -12.99 -2.54
C PHE D 49 11.66 -11.54 -3.01
N ALA D 50 12.85 -10.96 -3.08
CA ALA D 50 12.98 -9.56 -3.49
C ALA D 50 14.27 -9.25 -4.26
N SER D 51 14.41 -7.98 -4.68
CA SER D 51 15.57 -7.54 -5.43
C SER D 51 15.87 -6.08 -5.15
N PHE D 52 17.11 -5.68 -5.40
CA PHE D 52 17.54 -4.31 -5.22
C PHE D 52 18.67 -4.02 -6.20
N GLU D 53 18.50 -2.93 -6.95
CA GLU D 53 19.49 -2.50 -7.93
C GLU D 53 20.55 -1.75 -7.13
N ALA D 54 21.72 -2.35 -7.02
CA ALA D 54 22.83 -1.78 -6.28
C ALA D 54 23.28 -0.38 -6.72
N GLN D 55 22.97 0.02 -7.95
CA GLN D 55 23.35 1.34 -8.45
C GLN D 55 22.69 2.43 -7.60
N GLY D 56 21.58 2.08 -6.96
CA GLY D 56 20.91 3.05 -6.11
C GLY D 56 21.79 3.38 -4.94
N ALA D 57 22.46 2.36 -4.43
CA ALA D 57 23.37 2.51 -3.30
C ALA D 57 24.54 3.40 -3.70
N LEU D 58 25.16 3.08 -4.83
CA LEU D 58 26.31 3.86 -5.30
C LEU D 58 25.95 5.30 -5.56
N ALA D 59 24.84 5.52 -6.27
CA ALA D 59 24.39 6.86 -6.60
C ALA D 59 24.23 7.68 -5.31
N ASN D 60 23.52 7.11 -4.33
CA ASN D 60 23.29 7.76 -3.03
C ASN D 60 24.59 8.13 -2.32
N ILE D 61 25.51 7.17 -2.20
CA ILE D 61 26.80 7.41 -1.55
C ILE D 61 27.58 8.55 -2.24
N ALA D 62 27.37 8.73 -3.54
CA ALA D 62 28.04 9.80 -4.26
C ALA D 62 27.52 11.11 -3.71
N VAL D 63 26.23 11.12 -3.37
CA VAL D 63 25.60 12.30 -2.80
C VAL D 63 26.19 12.55 -1.41
N ASP D 64 26.15 11.52 -0.58
CA ASP D 64 26.67 11.61 0.79
C ASP D 64 28.12 12.12 0.85
N LYS D 65 28.96 11.63 -0.06
CA LYS D 65 30.35 12.05 -0.11
C LYS D 65 30.47 13.54 -0.41
N ALA D 66 29.59 14.04 -1.26
CA ALA D 66 29.61 15.46 -1.62
C ALA D 66 29.10 16.31 -0.45
N ASN D 67 28.08 15.82 0.23
CA ASN D 67 27.55 16.55 1.36
C ASN D 67 28.61 16.58 2.45
N LEU D 68 29.39 15.51 2.55
CA LEU D 68 30.42 15.44 3.55
C LEU D 68 31.52 16.47 3.29
N GLU D 69 31.97 16.58 2.05
CA GLU D 69 33.03 17.53 1.73
C GLU D 69 32.59 18.96 2.10
N ILE D 70 31.33 19.30 1.81
CA ILE D 70 30.80 20.63 2.11
C ILE D 70 30.62 20.85 3.60
N MET D 71 29.90 19.95 4.27
CA MET D 71 29.64 20.09 5.70
C MET D 71 30.92 20.05 6.54
N THR D 72 32.00 19.52 5.96
CA THR D 72 33.27 19.47 6.67
C THR D 72 33.85 20.88 6.74
N LYS D 73 33.71 21.62 5.66
CA LYS D 73 34.21 23.00 5.62
C LYS D 73 33.36 23.91 6.51
N ARG D 74 32.06 23.71 6.48
CA ARG D 74 31.15 24.54 7.27
C ARG D 74 31.24 24.32 8.78
N SER D 75 31.67 23.15 9.21
CA SER D 75 31.78 22.89 10.63
C SER D 75 33.18 23.23 11.11
N ASN D 76 33.96 23.90 10.26
CA ASN D 76 35.33 24.29 10.61
C ASN D 76 36.26 23.09 10.74
N TYR D 77 35.97 22.04 9.97
CA TYR D 77 36.78 20.82 10.00
C TYR D 77 36.88 20.16 11.36
N THR D 78 35.89 20.37 12.23
CA THR D 78 35.94 19.74 13.54
C THR D 78 35.86 18.23 13.31
N PRO D 79 36.78 17.49 13.92
CA PRO D 79 36.85 16.03 13.80
C PRO D 79 35.74 15.35 14.60
N ILE D 80 35.43 14.10 14.26
CA ILE D 80 34.41 13.39 14.99
C ILE D 80 35.03 12.80 16.25
N THR D 81 34.37 12.97 17.39
CA THR D 81 34.89 12.46 18.65
C THR D 81 34.72 10.95 18.75
N ASN D 82 35.81 10.26 19.09
CA ASN D 82 35.80 8.82 19.23
C ASN D 82 34.94 8.37 20.41
N VAL D 83 34.27 7.24 20.23
CA VAL D 83 33.45 6.64 21.26
C VAL D 83 33.74 5.16 21.18
N PRO D 84 34.43 4.61 22.19
CA PRO D 84 34.81 3.21 22.31
C PRO D 84 33.61 2.29 22.50
N PRO D 85 33.68 1.09 21.91
CA PRO D 85 32.63 0.07 21.97
C PRO D 85 32.56 -0.79 23.22
N GLU D 86 31.36 -1.28 23.51
CA GLU D 86 31.15 -2.20 24.62
C GLU D 86 31.17 -3.53 23.87
N VAL D 87 31.77 -4.57 24.44
CA VAL D 87 31.81 -5.84 23.74
C VAL D 87 31.32 -6.98 24.59
N THR D 88 30.49 -7.83 24.00
CA THR D 88 29.95 -8.97 24.72
C THR D 88 30.10 -10.21 23.89
N VAL D 89 30.45 -11.31 24.54
CA VAL D 89 30.61 -12.57 23.84
C VAL D 89 29.61 -13.59 24.35
N LEU D 90 28.99 -14.32 23.43
CA LEU D 90 28.03 -15.32 23.82
C LEU D 90 27.88 -16.38 22.78
N THR D 91 27.16 -17.43 23.13
CA THR D 91 26.96 -18.54 22.21
C THR D 91 25.55 -18.51 21.68
N ASN D 92 25.40 -19.05 20.49
CA ASN D 92 24.11 -19.10 19.84
C ASN D 92 23.11 -19.87 20.69
N SER D 93 23.62 -20.72 21.57
CA SER D 93 22.74 -21.54 22.41
C SER D 93 23.56 -22.15 23.54
N PRO D 94 22.90 -22.88 24.46
CA PRO D 94 23.62 -23.52 25.57
C PRO D 94 24.60 -24.54 25.00
N VAL D 95 25.87 -24.43 25.37
CA VAL D 95 26.89 -25.33 24.84
C VAL D 95 26.95 -26.72 25.43
N GLU D 96 27.15 -27.69 24.53
CA GLU D 96 27.28 -29.08 24.88
C GLU D 96 28.54 -29.59 24.20
N LEU D 97 29.21 -30.53 24.85
CA LEU D 97 30.44 -31.09 24.29
C LEU D 97 30.12 -31.82 22.99
N ARG D 98 30.93 -31.59 21.96
CA ARG D 98 30.76 -32.23 20.66
C ARG D 98 29.58 -31.69 19.86
N GLU D 99 28.73 -30.87 20.49
CA GLU D 99 27.56 -30.31 19.79
C GLU D 99 27.91 -28.98 19.12
N PRO D 100 27.81 -28.92 17.78
CA PRO D 100 28.12 -27.71 17.01
C PRO D 100 27.40 -26.48 17.55
N ASN D 101 28.16 -25.41 17.79
CA ASN D 101 27.60 -24.18 18.31
C ASN D 101 28.17 -23.00 17.56
N VAL D 102 27.84 -21.79 18.01
CA VAL D 102 28.34 -20.59 17.37
C VAL D 102 28.72 -19.54 18.38
N LEU D 103 29.92 -19.00 18.22
CA LEU D 103 30.39 -17.95 19.11
C LEU D 103 30.04 -16.62 18.45
N ILE D 104 29.32 -15.79 19.19
CA ILE D 104 28.89 -14.50 18.71
C ILE D 104 29.63 -13.41 19.44
N CYS D 105 30.19 -12.48 18.68
CA CYS D 105 30.87 -11.35 19.26
C CYS D 105 30.04 -10.15 18.86
N PHE D 106 29.61 -9.37 19.86
CA PHE D 106 28.77 -8.21 19.61
C PHE D 106 29.43 -6.91 20.06
N ILE D 107 29.90 -6.12 19.08
CA ILE D 107 30.55 -4.82 19.33
C ILE D 107 29.43 -3.79 19.24
N ASP D 108 29.23 -3.02 20.30
CA ASP D 108 28.13 -2.05 20.35
C ASP D 108 28.48 -0.63 20.83
N LYS D 109 27.57 0.31 20.57
CA LYS D 109 27.71 1.72 20.97
C LYS D 109 29.06 2.39 20.67
N PHE D 110 29.45 2.45 19.41
CA PHE D 110 30.72 3.06 19.05
C PHE D 110 30.64 3.87 17.75
N THR D 111 31.65 4.69 17.53
CA THR D 111 31.80 5.52 16.34
C THR D 111 33.18 6.15 16.41
N PRO D 112 33.83 6.38 15.25
CA PRO D 112 33.37 6.12 13.88
C PRO D 112 33.17 4.63 13.57
N PRO D 113 32.53 4.32 12.44
CA PRO D 113 32.29 2.94 12.04
C PRO D 113 33.53 2.27 11.43
N VAL D 114 34.51 1.96 12.28
CA VAL D 114 35.73 1.29 11.85
C VAL D 114 36.27 0.45 13.01
N VAL D 115 36.49 -0.83 12.74
CA VAL D 115 37.01 -1.73 13.76
C VAL D 115 37.81 -2.89 13.15
N ASN D 116 38.77 -3.39 13.93
CA ASN D 116 39.56 -4.54 13.53
C ASN D 116 39.14 -5.59 14.57
N VAL D 117 38.38 -6.58 14.13
CA VAL D 117 37.90 -7.64 15.01
C VAL D 117 38.59 -8.94 14.62
N THR D 118 39.02 -9.71 15.62
CA THR D 118 39.68 -10.99 15.34
C THR D 118 39.27 -12.03 16.38
N TRP D 119 39.16 -13.29 15.96
CA TRP D 119 38.81 -14.39 16.86
C TRP D 119 40.08 -15.13 17.26
N LEU D 120 40.23 -15.43 18.55
CA LEU D 120 41.40 -16.15 19.02
C LEU D 120 41.00 -17.42 19.75
N ARG D 121 41.72 -18.51 19.48
CA ARG D 121 41.49 -19.80 20.14
C ARG D 121 42.80 -20.20 20.82
N ASN D 122 42.76 -20.28 22.15
CA ASN D 122 43.94 -20.64 22.93
C ASN D 122 45.06 -19.67 22.58
N GLY D 123 44.67 -18.41 22.40
CA GLY D 123 45.62 -17.35 22.09
C GLY D 123 46.01 -17.21 20.64
N LYS D 124 45.61 -18.15 19.79
CA LYS D 124 45.98 -18.09 18.38
C LYS D 124 44.85 -17.65 17.44
N PRO D 125 45.20 -16.84 16.43
CA PRO D 125 44.20 -16.36 15.47
C PRO D 125 43.38 -17.49 14.85
N VAL D 126 42.10 -17.24 14.63
CA VAL D 126 41.22 -18.23 14.05
C VAL D 126 40.35 -17.63 12.97
N THR D 127 40.51 -18.13 11.75
CA THR D 127 39.73 -17.67 10.62
C THR D 127 38.69 -18.75 10.31
N THR D 128 38.89 -19.50 9.25
CA THR D 128 38.01 -20.59 8.86
C THR D 128 36.59 -20.59 9.43
N GLY D 129 35.62 -20.13 8.65
CA GLY D 129 34.24 -20.14 9.13
C GLY D 129 33.66 -18.85 9.71
N VAL D 130 34.51 -17.93 10.11
CA VAL D 130 34.04 -16.69 10.69
C VAL D 130 33.18 -15.93 9.69
N SER D 131 32.32 -15.06 10.20
CA SER D 131 31.48 -14.22 9.38
C SER D 131 31.18 -12.96 10.17
N GLU D 132 30.65 -11.94 9.50
CA GLU D 132 30.33 -10.70 10.18
C GLU D 132 29.27 -9.95 9.40
N THR D 133 28.71 -8.94 10.04
CA THR D 133 27.71 -8.09 9.44
C THR D 133 28.36 -6.74 9.24
N VAL D 134 27.77 -5.90 8.40
CA VAL D 134 28.30 -4.57 8.17
C VAL D 134 27.89 -3.79 9.43
N PHE D 135 28.10 -2.49 9.46
CA PHE D 135 27.68 -1.73 10.63
C PHE D 135 26.18 -1.50 10.64
N LEU D 136 25.56 -1.76 11.78
CA LEU D 136 24.12 -1.60 11.94
C LEU D 136 23.82 -0.33 12.72
N PRO D 137 22.67 0.31 12.43
CA PRO D 137 22.28 1.55 13.11
C PRO D 137 21.67 1.38 14.51
N ARG D 138 21.71 2.47 15.27
CA ARG D 138 21.19 2.56 16.62
C ARG D 138 20.45 3.89 16.67
N GLU D 139 19.51 4.02 17.60
CA GLU D 139 18.74 5.28 17.72
C GLU D 139 19.58 6.45 18.23
N ASP D 140 20.67 6.16 18.95
CA ASP D 140 21.53 7.24 19.43
C ASP D 140 22.52 7.63 18.32
N HIS D 141 22.50 6.88 17.22
CA HIS D 141 23.35 7.14 16.06
C HIS D 141 24.79 6.64 16.15
N LEU D 142 24.98 5.72 17.08
CA LEU D 142 26.24 5.04 17.31
C LEU D 142 26.05 3.81 16.45
N PHE D 143 26.96 2.84 16.52
CA PHE D 143 26.82 1.65 15.69
C PHE D 143 26.86 0.32 16.43
N ARG D 144 26.46 -0.74 15.71
CA ARG D 144 26.43 -2.11 16.22
C ARG D 144 27.11 -2.96 15.16
N LYS D 145 27.62 -4.13 15.55
CA LYS D 145 28.27 -5.03 14.62
C LYS D 145 28.29 -6.42 15.20
N PHE D 146 28.24 -7.43 14.35
CA PHE D 146 28.26 -8.80 14.84
C PHE D 146 29.31 -9.64 14.10
N HIS D 147 30.06 -10.42 14.87
CA HIS D 147 31.06 -11.32 14.33
C HIS D 147 30.76 -12.72 14.86
N TYR D 148 30.79 -13.70 13.95
CA TYR D 148 30.49 -15.07 14.32
C TYR D 148 31.60 -16.08 14.05
N LEU D 149 31.81 -16.97 15.02
CA LEU D 149 32.81 -18.02 14.92
C LEU D 149 32.14 -19.37 15.21
N PRO D 150 31.90 -20.18 14.16
CA PRO D 150 31.26 -21.47 14.44
C PRO D 150 32.29 -22.37 15.12
N PHE D 151 31.85 -23.20 16.07
CA PHE D 151 32.79 -24.07 16.75
C PHE D 151 32.24 -25.35 17.35
N LEU D 152 33.17 -26.22 17.75
CA LEU D 152 32.81 -27.48 18.39
C LEU D 152 33.32 -27.34 19.82
N PRO D 153 32.40 -27.20 20.79
CA PRO D 153 32.70 -27.04 22.23
C PRO D 153 33.71 -28.05 22.73
N SER D 154 34.51 -27.63 23.69
CA SER D 154 35.54 -28.48 24.24
C SER D 154 36.03 -27.93 25.56
N THR D 155 36.54 -28.80 26.42
CA THR D 155 37.05 -28.37 27.72
C THR D 155 38.51 -27.90 27.60
N GLU D 156 39.09 -28.11 26.42
CA GLU D 156 40.48 -27.74 26.18
C GLU D 156 40.69 -26.47 25.35
N ASP D 157 39.61 -25.79 25.01
CA ASP D 157 39.69 -24.57 24.22
C ASP D 157 39.11 -23.33 24.91
N VAL D 158 39.82 -22.23 24.76
CA VAL D 158 39.38 -20.96 25.30
C VAL D 158 39.29 -20.01 24.10
N TYR D 159 38.34 -19.09 24.14
CA TYR D 159 38.21 -18.17 23.05
C TYR D 159 38.28 -16.71 23.46
N ASP D 160 38.59 -15.86 22.49
CA ASP D 160 38.68 -14.44 22.71
C ASP D 160 38.19 -13.71 21.48
N CYS D 161 37.52 -12.58 21.73
CA CYS D 161 37.05 -11.74 20.65
C CYS D 161 37.93 -10.52 20.83
N ARG D 162 38.82 -10.30 19.87
CA ARG D 162 39.74 -9.18 19.91
C ARG D 162 39.18 -8.03 19.07
N VAL D 163 39.03 -6.87 19.70
CA VAL D 163 38.48 -5.70 19.02
C VAL D 163 39.36 -4.47 19.13
N GLU D 164 39.67 -3.89 17.98
CA GLU D 164 40.48 -2.67 17.91
C GLU D 164 39.60 -1.50 17.42
N HIS D 165 39.66 -0.38 18.13
CA HIS D 165 38.89 0.81 17.77
C HIS D 165 39.63 2.06 18.24
N TRP D 166 39.69 3.08 17.39
CA TRP D 166 40.40 4.31 17.73
C TRP D 166 39.94 4.95 19.04
N GLY D 167 38.81 4.49 19.56
CA GLY D 167 38.34 5.04 20.81
C GLY D 167 38.99 4.29 21.94
N LEU D 168 39.43 3.07 21.65
CA LEU D 168 40.10 2.25 22.64
C LEU D 168 41.56 2.69 22.82
N ASP D 169 42.12 2.35 23.98
CA ASP D 169 43.50 2.67 24.31
C ASP D 169 44.43 1.51 23.96
N GLU D 170 43.83 0.35 23.73
CA GLU D 170 44.57 -0.86 23.38
C GLU D 170 43.54 -1.88 22.88
N PRO D 171 43.99 -3.06 22.46
CA PRO D 171 42.97 -4.00 21.99
C PRO D 171 42.07 -4.44 23.16
N LEU D 172 40.79 -4.57 22.89
CA LEU D 172 39.84 -4.99 23.90
C LEU D 172 39.52 -6.45 23.67
N LEU D 173 39.68 -7.27 24.70
CA LEU D 173 39.38 -8.68 24.55
C LEU D 173 38.30 -9.17 25.52
N LYS D 174 37.44 -10.03 25.00
CA LYS D 174 36.36 -10.63 25.77
C LYS D 174 36.54 -12.12 25.71
N HIS D 175 36.78 -12.70 26.87
CA HIS D 175 37.05 -14.11 27.00
C HIS D 175 35.82 -14.99 27.11
N TRP D 176 35.98 -16.24 26.70
CA TRP D 176 34.92 -17.22 26.76
C TRP D 176 35.54 -18.60 26.78
N GLU D 177 34.99 -19.48 27.60
CA GLU D 177 35.46 -20.85 27.70
C GLU D 177 34.37 -21.73 28.28
N PHE D 178 34.53 -23.03 28.13
CA PHE D 178 33.57 -23.99 28.64
C PHE D 178 34.12 -24.53 29.97
N ASP D 179 33.25 -24.96 30.87
CA ASP D 179 33.70 -25.49 32.16
C ASP D 179 33.00 -26.81 32.54
N THR E 1 45.56 7.49 12.04
CA THR E 1 45.24 8.26 13.28
C THR E 1 45.00 9.74 12.98
N ARG E 2 44.65 10.05 11.73
CA ARG E 2 44.37 11.42 11.32
C ARG E 2 42.92 11.71 11.71
N PRO E 3 42.48 12.97 11.61
CA PRO E 3 41.09 13.27 11.97
C PRO E 3 40.12 12.66 10.96
N ARG E 4 39.05 12.04 11.45
CA ARG E 4 38.06 11.42 10.57
C ARG E 4 36.81 12.30 10.56
N PHE E 5 36.11 12.30 9.44
CA PHE E 5 34.90 13.08 9.29
C PHE E 5 33.82 12.14 8.79
N LEU E 6 32.73 12.06 9.52
CA LEU E 6 31.64 11.16 9.19
C LEU E 6 30.32 11.80 8.74
N GLU E 7 29.82 11.34 7.60
CA GLU E 7 28.55 11.86 7.08
C GLU E 7 27.53 10.72 7.10
N LEU E 8 26.42 10.92 7.80
CA LEU E 8 25.43 9.87 7.93
C LEU E 8 24.02 10.22 7.46
N LEU E 9 23.40 9.32 6.68
CA LEU E 9 22.04 9.56 6.21
C LEU E 9 21.12 8.42 6.65
N LYS E 10 19.90 8.78 7.06
CA LYS E 10 18.93 7.79 7.48
C LYS E 10 17.54 8.13 7.03
N SER E 11 16.90 7.19 6.35
CA SER E 11 15.53 7.36 5.89
C SER E 11 14.72 6.39 6.72
N GLU E 12 13.85 6.92 7.57
CA GLU E 12 13.02 6.09 8.42
C GLU E 12 11.57 5.95 7.96
N CYS E 13 11.01 4.77 8.13
CA CYS E 13 9.62 4.48 7.80
C CYS E 13 9.02 3.74 8.98
N HIS E 14 8.13 4.42 9.70
CA HIS E 14 7.47 3.86 10.86
C HIS E 14 6.05 3.45 10.48
N PHE E 15 5.66 2.25 10.88
CA PHE E 15 4.35 1.71 10.55
C PHE E 15 3.49 1.38 11.77
N PHE E 16 2.22 1.75 11.69
CA PHE E 16 1.27 1.47 12.77
C PHE E 16 0.07 0.79 12.13
N ASN E 17 -0.45 -0.25 12.77
CA ASN E 17 -1.60 -0.99 12.26
C ASN E 17 -1.36 -1.31 10.80
N GLY E 18 -0.34 -2.11 10.51
CA GLY E 18 -0.02 -2.45 9.14
C GLY E 18 0.53 -1.22 8.44
N THR E 19 -0.09 -0.84 7.33
CA THR E 19 0.31 0.36 6.59
C THR E 19 -0.74 1.46 6.73
N GLU E 20 -1.52 1.40 7.81
CA GLU E 20 -2.56 2.39 8.07
C GLU E 20 -2.00 3.77 8.31
N ARG E 21 -1.12 3.88 9.30
CA ARG E 21 -0.47 5.15 9.59
C ARG E 21 1.00 4.96 9.28
N VAL E 22 1.57 5.87 8.51
CA VAL E 22 2.97 5.77 8.15
C VAL E 22 3.66 7.11 8.31
N ARG E 23 4.79 7.11 9.01
CA ARG E 23 5.56 8.33 9.23
C ARG E 23 6.95 8.23 8.60
N PHE E 24 7.22 9.16 7.68
CA PHE E 24 8.49 9.22 6.96
C PHE E 24 9.46 10.23 7.59
N LEU E 25 10.72 9.83 7.68
CA LEU E 25 11.77 10.68 8.24
C LEU E 25 13.08 10.54 7.49
N GLU E 26 13.56 11.65 6.94
CA GLU E 26 14.83 11.71 6.20
C GLU E 26 15.73 12.55 7.10
N ARG E 27 16.82 11.95 7.57
CA ARG E 27 17.69 12.65 8.50
C ARG E 27 19.16 12.69 8.08
N TYR E 28 19.69 13.91 7.99
CA TYR E 28 21.09 14.14 7.61
C TYR E 28 21.98 14.41 8.83
N PHE E 29 22.98 13.56 9.03
CA PHE E 29 23.91 13.70 10.15
C PHE E 29 25.36 13.98 9.73
N HIS E 30 26.09 14.67 10.59
CA HIS E 30 27.50 14.97 10.36
C HIS E 30 28.22 14.85 11.71
N ASN E 31 29.08 13.84 11.81
CA ASN E 31 29.83 13.53 13.04
C ASN E 31 28.93 13.38 14.26
N GLN E 32 27.96 12.49 14.16
CA GLN E 32 27.03 12.24 15.27
C GLN E 32 26.04 13.37 15.50
N GLU E 33 25.93 14.28 14.54
CA GLU E 33 25.01 15.41 14.69
C GLU E 33 23.97 15.56 13.58
N GLU E 34 22.71 15.63 13.98
CA GLU E 34 21.64 15.80 13.01
C GLU E 34 21.53 17.32 12.83
N PHE E 35 21.55 17.78 11.58
CA PHE E 35 21.44 19.21 11.33
C PHE E 35 20.23 19.61 10.51
N VAL E 36 19.62 18.67 9.81
CA VAL E 36 18.43 18.98 9.02
C VAL E 36 17.66 17.73 8.69
N ARG E 37 16.33 17.84 8.61
CA ARG E 37 15.49 16.70 8.28
C ARG E 37 14.13 17.02 7.72
N PHE E 38 13.53 16.00 7.12
CA PHE E 38 12.20 16.13 6.57
C PHE E 38 11.32 15.10 7.24
N ASP E 39 10.27 15.57 7.90
CA ASP E 39 9.34 14.71 8.59
C ASP E 39 8.01 14.75 7.81
N SER E 40 7.50 13.59 7.40
CA SER E 40 6.24 13.59 6.65
C SER E 40 5.07 14.13 7.46
N ASP E 41 5.23 14.20 8.78
CA ASP E 41 4.18 14.76 9.63
C ASP E 41 4.25 16.30 9.62
N VAL E 42 5.39 16.85 9.19
CA VAL E 42 5.58 18.31 9.11
C VAL E 42 5.38 18.85 7.70
N GLY E 43 5.83 18.11 6.70
CA GLY E 43 5.64 18.53 5.32
C GLY E 43 6.75 19.30 4.62
N GLU E 44 7.79 19.70 5.35
CA GLU E 44 8.91 20.43 4.74
C GLU E 44 10.16 20.17 5.57
N TYR E 45 11.33 20.58 5.06
CA TYR E 45 12.57 20.34 5.80
C TYR E 45 12.71 21.29 6.96
N ARG E 46 13.41 20.86 7.99
CA ARG E 46 13.62 21.67 9.17
C ARG E 46 15.00 21.52 9.78
N ALA E 47 15.63 22.66 10.06
CA ALA E 47 16.97 22.70 10.64
C ALA E 47 16.96 22.22 12.08
N VAL E 48 17.97 21.44 12.46
CA VAL E 48 18.10 20.91 13.81
C VAL E 48 19.16 21.70 14.56
N THR E 49 20.13 22.21 13.82
CA THR E 49 21.18 23.06 14.39
C THR E 49 21.40 24.19 13.38
N GLU E 50 22.26 25.14 13.72
CA GLU E 50 22.50 26.28 12.83
C GLU E 50 23.03 25.93 11.45
N LEU E 51 23.86 24.92 11.34
CA LEU E 51 24.40 24.55 10.03
C LEU E 51 23.31 24.13 9.06
N GLY E 52 22.17 23.69 9.61
CA GLY E 52 21.07 23.25 8.78
C GLY E 52 20.17 24.35 8.27
N ARG E 53 20.09 25.47 9.00
CA ARG E 53 19.24 26.60 8.64
C ARG E 53 19.24 26.99 7.15
N PRO E 54 20.42 27.31 6.59
CA PRO E 54 20.48 27.68 5.19
C PRO E 54 20.10 26.51 4.28
N VAL E 55 20.49 25.32 4.72
CA VAL E 55 20.19 24.12 3.96
C VAL E 55 18.68 23.93 3.86
N ALA E 56 17.94 24.29 4.90
CA ALA E 56 16.49 24.11 4.88
C ALA E 56 15.76 25.12 3.99
N GLU E 57 16.19 26.37 3.98
CA GLU E 57 15.55 27.35 3.13
C GLU E 57 15.73 26.96 1.68
N SER E 58 16.99 26.90 1.25
CA SER E 58 17.31 26.51 -0.11
C SER E 58 16.46 25.33 -0.59
N TRP E 59 16.32 24.30 0.24
CA TRP E 59 15.54 23.15 -0.16
C TRP E 59 14.03 23.37 -0.11
N ASN E 60 13.56 24.05 0.92
CA ASN E 60 12.12 24.28 1.05
C ASN E 60 11.55 25.17 -0.04
N SER E 61 12.41 25.84 -0.79
CA SER E 61 11.95 26.71 -1.86
C SER E 61 11.76 25.97 -3.17
N GLN E 62 12.13 24.70 -3.19
CA GLN E 62 11.97 23.91 -4.40
C GLN E 62 10.68 23.07 -4.30
N LYS E 63 9.57 23.64 -4.75
CA LYS E 63 8.27 22.97 -4.71
C LYS E 63 8.33 21.51 -5.10
N ASP E 64 8.96 21.23 -6.24
CA ASP E 64 9.06 19.84 -6.71
C ASP E 64 9.74 18.96 -5.66
N LEU E 65 10.84 19.42 -5.08
CA LEU E 65 11.52 18.63 -4.06
C LEU E 65 10.52 18.29 -2.95
N LEU E 66 9.88 19.30 -2.39
CA LEU E 66 8.90 19.06 -1.32
C LEU E 66 7.78 18.12 -1.76
N GLU E 67 7.23 18.34 -2.95
CA GLU E 67 6.17 17.47 -3.44
C GLU E 67 6.63 16.02 -3.38
N GLN E 68 7.75 15.70 -4.01
CA GLN E 68 8.28 14.34 -4.04
C GLN E 68 8.45 13.74 -2.65
N LYS E 69 9.05 14.51 -1.74
CA LYS E 69 9.26 14.03 -0.39
C LYS E 69 7.95 13.79 0.35
N ARG E 70 6.89 14.51 -0.03
CA ARG E 70 5.61 14.35 0.64
C ARG E 70 4.91 13.07 0.19
N GLY E 71 5.40 12.49 -0.91
CA GLY E 71 4.83 11.26 -1.42
C GLY E 71 5.58 9.99 -1.03
N GLN E 72 6.72 10.15 -0.36
CA GLN E 72 7.53 9.00 0.06
C GLN E 72 6.84 8.00 1.00
N VAL E 73 5.92 8.47 1.85
CA VAL E 73 5.19 7.56 2.74
C VAL E 73 4.48 6.53 1.85
N ASP E 74 4.23 6.92 0.61
CA ASP E 74 3.57 6.06 -0.38
C ASP E 74 4.52 5.36 -1.36
N THR E 75 5.16 6.11 -2.26
CA THR E 75 6.05 5.52 -3.25
C THR E 75 7.28 4.85 -2.66
N TYR E 76 7.60 5.19 -1.42
CA TYR E 76 8.77 4.62 -0.77
C TYR E 76 8.44 3.68 0.39
N CYS E 77 7.98 4.27 1.50
CA CYS E 77 7.64 3.51 2.70
C CYS E 77 6.65 2.37 2.45
N ARG E 78 5.41 2.70 2.09
CA ARG E 78 4.41 1.66 1.86
C ARG E 78 4.78 0.69 0.73
N HIS E 79 5.52 1.16 -0.28
CA HIS E 79 5.92 0.27 -1.36
C HIS E 79 6.89 -0.79 -0.83
N ASN E 80 7.95 -0.35 -0.16
CA ASN E 80 8.93 -1.28 0.37
C ASN E 80 8.30 -2.27 1.34
N TYR E 81 7.45 -1.78 2.25
CA TYR E 81 6.81 -2.65 3.23
C TYR E 81 6.12 -3.82 2.52
N GLY E 82 5.33 -3.52 1.51
CA GLY E 82 4.65 -4.56 0.77
C GLY E 82 5.58 -5.56 0.10
N VAL E 83 6.81 -5.13 -0.21
CA VAL E 83 7.78 -5.99 -0.85
C VAL E 83 8.42 -6.96 0.14
N VAL E 84 8.88 -6.45 1.28
CA VAL E 84 9.56 -7.30 2.26
C VAL E 84 8.63 -7.96 3.29
N GLU E 85 7.42 -7.42 3.40
CA GLU E 85 6.43 -7.91 4.36
C GLU E 85 6.38 -9.41 4.60
N SER E 86 6.28 -10.19 3.53
CA SER E 86 6.18 -11.65 3.62
C SER E 86 7.35 -12.36 4.30
N PHE E 87 8.57 -11.82 4.21
CA PHE E 87 9.70 -12.47 4.86
C PHE E 87 10.25 -11.69 6.04
N THR E 88 9.47 -10.74 6.56
CA THR E 88 9.87 -9.93 7.71
C THR E 88 8.74 -9.84 8.72
N VAL E 89 7.73 -9.05 8.39
CA VAL E 89 6.59 -8.89 9.27
C VAL E 89 5.94 -10.25 9.57
N GLN E 90 5.81 -11.08 8.54
CA GLN E 90 5.18 -12.38 8.73
C GLN E 90 6.14 -13.45 9.23
N ARG E 91 7.44 -13.15 9.21
CA ARG E 91 8.43 -14.12 9.66
C ARG E 91 8.06 -14.62 11.07
N ARG E 92 8.20 -15.92 11.27
CA ARG E 92 7.93 -16.54 12.55
C ARG E 92 8.79 -17.79 12.73
N VAL E 93 9.70 -17.74 13.71
CA VAL E 93 10.58 -18.87 13.97
C VAL E 93 10.33 -19.42 15.37
N HIS E 94 10.01 -20.72 15.44
CA HIS E 94 9.72 -21.40 16.69
C HIS E 94 10.92 -21.43 17.64
N PRO E 95 10.67 -21.21 18.94
CA PRO E 95 11.72 -21.22 19.95
C PRO E 95 12.18 -22.64 20.27
N GLN E 96 13.47 -22.79 20.57
CA GLN E 96 14.02 -24.08 20.98
C GLN E 96 14.18 -23.92 22.48
N VAL E 97 13.49 -24.75 23.26
CA VAL E 97 13.59 -24.64 24.70
C VAL E 97 14.27 -25.81 25.40
N THR E 98 15.16 -25.50 26.34
CA THR E 98 15.86 -26.54 27.08
C THR E 98 15.95 -26.11 28.53
N VAL E 99 15.71 -27.05 29.43
CA VAL E 99 15.78 -26.75 30.85
C VAL E 99 16.85 -27.59 31.52
N TYR E 100 17.76 -26.94 32.23
CA TYR E 100 18.82 -27.65 32.93
C TYR E 100 19.14 -26.98 34.26
N PRO E 101 19.60 -27.76 35.25
CA PRO E 101 19.94 -27.21 36.55
C PRO E 101 21.40 -26.81 36.48
N ALA E 102 21.78 -25.78 37.23
CA ALA E 102 23.16 -25.33 37.21
C ALA E 102 23.70 -25.05 38.61
N LYS E 103 25.01 -24.78 38.66
CA LYS E 103 25.75 -24.47 39.88
C LYS E 103 26.57 -25.67 40.39
N THR E 104 27.80 -25.37 40.82
CA THR E 104 28.72 -26.39 41.32
C THR E 104 28.76 -26.52 42.85
N GLN E 105 27.66 -27.02 43.41
CA GLN E 105 27.51 -27.24 44.84
C GLN E 105 26.49 -28.36 45.06
N PRO E 106 26.95 -29.52 45.57
CA PRO E 106 26.23 -30.77 45.88
C PRO E 106 24.77 -30.68 46.36
N LEU E 107 24.37 -31.60 47.23
CA LEU E 107 23.01 -31.64 47.77
C LEU E 107 22.77 -30.55 48.82
N GLN E 108 21.55 -30.04 48.84
CA GLN E 108 21.16 -28.99 49.79
C GLN E 108 22.13 -27.80 49.75
N HIS E 109 22.10 -27.09 48.63
CA HIS E 109 22.97 -25.92 48.43
C HIS E 109 22.29 -24.92 47.50
N HIS E 110 20.97 -24.78 47.66
CA HIS E 110 20.15 -23.86 46.87
C HIS E 110 20.43 -23.88 45.35
N ASN E 111 20.12 -25.01 44.72
CA ASN E 111 20.31 -25.18 43.29
C ASN E 111 19.49 -24.15 42.52
N LEU E 112 19.74 -24.08 41.20
CA LEU E 112 19.02 -23.17 40.33
C LEU E 112 18.65 -23.82 39.02
N LEU E 113 17.45 -23.54 38.56
CA LEU E 113 16.97 -24.08 37.31
C LEU E 113 17.06 -23.02 36.24
N VAL E 114 17.61 -23.42 35.09
CA VAL E 114 17.77 -22.50 33.99
C VAL E 114 16.94 -22.93 32.79
N CYS E 115 16.21 -21.97 32.25
CA CYS E 115 15.40 -22.20 31.09
C CYS E 115 15.96 -21.33 29.96
N SER E 116 16.49 -21.98 28.94
CA SER E 116 17.07 -21.30 27.81
C SER E 116 16.10 -21.32 26.63
N VAL E 117 15.69 -20.14 26.19
CA VAL E 117 14.80 -20.02 25.05
C VAL E 117 15.68 -19.43 23.95
N SER E 118 15.76 -20.10 22.81
CA SER E 118 16.63 -19.58 21.78
C SER E 118 16.20 -19.80 20.34
N GLY E 119 16.85 -19.09 19.45
CA GLY E 119 16.58 -19.21 18.04
C GLY E 119 15.21 -18.79 17.55
N PHE E 120 14.53 -17.89 18.26
CA PHE E 120 13.19 -17.47 17.82
C PHE E 120 13.07 -16.09 17.13
N TYR E 121 11.89 -15.82 16.59
CA TYR E 121 11.60 -14.56 15.92
C TYR E 121 10.11 -14.50 15.66
N PRO E 122 9.46 -13.35 15.94
CA PRO E 122 10.03 -12.11 16.47
C PRO E 122 10.51 -12.23 17.90
N GLY E 123 11.12 -11.15 18.39
CA GLY E 123 11.65 -11.14 19.74
C GLY E 123 10.62 -11.03 20.84
N SER E 124 9.37 -10.82 20.47
CA SER E 124 8.31 -10.70 21.46
C SER E 124 8.11 -12.06 22.10
N ILE E 125 8.44 -12.19 23.38
CA ILE E 125 8.31 -13.47 24.03
C ILE E 125 7.88 -13.38 25.49
N GLU E 126 7.29 -14.46 26.00
CA GLU E 126 6.85 -14.53 27.39
C GLU E 126 7.25 -15.90 27.98
N VAL E 127 7.89 -15.87 29.14
CA VAL E 127 8.38 -17.08 29.79
C VAL E 127 7.95 -17.14 31.24
N ARG E 128 7.36 -18.26 31.66
CA ARG E 128 6.93 -18.41 33.05
C ARG E 128 7.44 -19.69 33.71
N TRP E 129 7.63 -19.62 35.03
CA TRP E 129 8.08 -20.74 35.85
C TRP E 129 7.00 -21.25 36.78
N PHE E 130 6.78 -22.56 36.76
CA PHE E 130 5.78 -23.20 37.60
C PHE E 130 6.39 -24.33 38.44
N ARG E 131 5.90 -24.48 39.66
CA ARG E 131 6.35 -25.56 40.54
C ARG E 131 5.11 -26.39 40.85
N ASN E 132 5.10 -27.62 40.34
CA ASN E 132 3.97 -28.53 40.54
C ASN E 132 2.66 -27.90 40.05
N GLY E 133 2.73 -27.27 38.88
CA GLY E 133 1.56 -26.65 38.29
C GLY E 133 1.26 -25.25 38.78
N GLN E 134 1.79 -24.88 39.92
CA GLN E 134 1.55 -23.55 40.48
C GLN E 134 2.57 -22.60 39.90
N GLU E 135 2.15 -21.39 39.55
CA GLU E 135 3.10 -20.44 38.98
C GLU E 135 3.94 -19.78 40.06
N GLU E 136 5.20 -19.54 39.73
CA GLU E 136 6.13 -18.91 40.65
C GLU E 136 6.46 -17.51 40.17
N LYS E 137 6.15 -16.53 41.00
CA LYS E 137 6.42 -15.13 40.69
C LYS E 137 7.35 -14.57 41.77
N THR E 138 8.47 -15.24 42.02
CA THR E 138 9.39 -14.78 43.06
C THR E 138 10.88 -15.06 42.85
N GLY E 139 11.23 -16.33 42.61
CA GLY E 139 12.64 -16.65 42.44
C GLY E 139 13.15 -16.56 41.02
N VAL E 140 12.49 -15.76 40.21
CA VAL E 140 12.85 -15.61 38.80
C VAL E 140 13.79 -14.44 38.47
N VAL E 141 14.79 -14.73 37.63
CA VAL E 141 15.75 -13.72 37.21
C VAL E 141 16.10 -13.91 35.73
N SER E 142 15.50 -13.06 34.88
CA SER E 142 15.72 -13.14 33.43
C SER E 142 16.91 -12.32 32.93
N THR E 143 17.37 -12.68 31.73
CA THR E 143 18.48 -11.98 31.10
C THR E 143 17.91 -11.01 30.09
N GLY E 144 16.60 -10.85 30.09
CA GLY E 144 15.97 -9.97 29.14
C GLY E 144 16.22 -10.53 27.75
N LEU E 145 15.64 -9.87 26.76
CA LEU E 145 15.78 -10.31 25.39
C LEU E 145 17.19 -10.08 24.83
N ILE E 146 17.69 -11.03 24.07
CA ILE E 146 19.01 -10.91 23.49
C ILE E 146 19.00 -11.17 21.98
N HIS E 147 19.52 -10.20 21.24
CA HIS E 147 19.55 -10.28 19.78
C HIS E 147 20.83 -10.97 19.25
N ASN E 148 20.67 -11.99 18.42
CA ASN E 148 21.84 -12.68 17.87
C ASN E 148 22.33 -12.02 16.57
N GLY E 149 21.60 -11.00 16.09
CA GLY E 149 21.98 -10.29 14.87
C GLY E 149 21.82 -11.06 13.56
N ASP E 150 21.04 -12.15 13.58
CA ASP E 150 20.82 -12.98 12.41
C ASP E 150 19.34 -13.34 12.22
N TRP E 151 18.46 -12.51 12.77
CA TRP E 151 17.03 -12.70 12.69
C TRP E 151 16.51 -13.74 13.66
N THR E 152 17.11 -13.74 14.84
CA THR E 152 16.71 -14.63 15.90
C THR E 152 17.07 -13.97 17.21
N PHE E 153 16.40 -14.39 18.27
CA PHE E 153 16.65 -13.87 19.60
C PHE E 153 16.81 -15.04 20.56
N GLN E 154 17.17 -14.73 21.80
CA GLN E 154 17.31 -15.73 22.83
C GLN E 154 17.21 -15.05 24.18
N THR E 155 16.80 -15.81 25.19
CA THR E 155 16.67 -15.25 26.52
C THR E 155 16.94 -16.34 27.56
N LEU E 156 17.26 -15.92 28.78
CA LEU E 156 17.53 -16.88 29.84
C LEU E 156 16.75 -16.52 31.08
N VAL E 157 15.78 -17.36 31.43
CA VAL E 157 14.96 -17.12 32.60
C VAL E 157 15.30 -18.13 33.67
N MET E 158 16.08 -17.70 34.65
CA MET E 158 16.49 -18.58 35.72
C MET E 158 15.51 -18.61 36.89
N LEU E 159 15.69 -19.58 37.78
CA LEU E 159 14.84 -19.74 38.95
C LEU E 159 15.59 -20.38 40.11
N GLU E 160 15.37 -19.84 41.30
CA GLU E 160 16.01 -20.36 42.50
C GLU E 160 14.98 -21.13 43.30
N THR E 161 15.27 -22.40 43.55
CA THR E 161 14.36 -23.24 44.32
C THR E 161 15.07 -24.46 44.90
N VAL E 162 14.64 -24.86 46.08
CA VAL E 162 15.21 -26.02 46.75
C VAL E 162 14.49 -27.25 46.22
N PRO E 163 15.07 -27.91 45.22
CA PRO E 163 14.45 -29.12 44.65
C PRO E 163 14.05 -30.13 45.72
N ARG E 164 12.92 -30.78 45.52
CA ARG E 164 12.43 -31.79 46.44
C ARG E 164 11.93 -32.98 45.64
N SER E 165 12.43 -34.16 45.97
CA SER E 165 12.05 -35.39 45.28
C SER E 165 10.57 -35.50 44.95
N GLY E 166 10.26 -35.79 43.68
CA GLY E 166 8.89 -35.92 43.26
C GLY E 166 8.29 -34.67 42.64
N GLU E 167 8.94 -33.52 42.80
CA GLU E 167 8.41 -32.27 42.23
C GLU E 167 8.58 -32.10 40.72
N VAL E 168 7.69 -31.31 40.13
CA VAL E 168 7.73 -31.05 38.70
C VAL E 168 7.78 -29.54 38.43
N TYR E 169 8.88 -29.08 37.86
CA TYR E 169 9.03 -27.67 37.51
C TYR E 169 8.76 -27.51 36.02
N THR E 170 8.17 -26.38 35.64
CA THR E 170 7.85 -26.18 34.24
C THR E 170 8.20 -24.80 33.74
N CYS E 171 8.77 -24.75 32.54
CA CYS E 171 9.11 -23.49 31.89
C CYS E 171 8.14 -23.37 30.72
N GLN E 172 7.17 -22.46 30.86
CA GLN E 172 6.15 -22.24 29.83
C GLN E 172 6.48 -21.00 29.00
N VAL E 173 6.56 -21.21 27.68
CA VAL E 173 6.88 -20.15 26.74
C VAL E 173 5.78 -19.86 25.72
N GLU E 174 5.35 -18.60 25.68
CA GLU E 174 4.35 -18.16 24.72
C GLU E 174 5.09 -17.35 23.67
N HIS E 175 4.70 -17.52 22.41
CA HIS E 175 5.37 -16.82 21.32
C HIS E 175 4.50 -16.89 20.07
N PRO E 176 4.41 -15.78 19.32
CA PRO E 176 3.62 -15.70 18.10
C PRO E 176 3.79 -16.88 17.15
N SER E 177 4.88 -17.62 17.32
CA SER E 177 5.18 -18.77 16.47
C SER E 177 4.30 -19.97 16.80
N VAL E 178 3.76 -19.97 18.01
CA VAL E 178 2.89 -21.07 18.44
C VAL E 178 1.55 -20.61 19.00
N THR E 179 0.53 -21.43 18.77
CA THR E 179 -0.83 -21.14 19.24
C THR E 179 -0.91 -21.52 20.71
N SER E 180 -0.30 -22.64 21.04
CA SER E 180 -0.31 -23.10 22.43
C SER E 180 1.07 -22.98 23.05
N PRO E 181 1.15 -22.34 24.22
CA PRO E 181 2.39 -22.13 24.96
C PRO E 181 3.31 -23.36 25.07
N LEU E 182 4.55 -23.19 24.63
CA LEU E 182 5.53 -24.26 24.69
C LEU E 182 5.79 -24.62 26.15
N THR E 183 6.03 -25.88 26.43
CA THR E 183 6.28 -26.31 27.80
C THR E 183 7.39 -27.32 27.88
N VAL E 184 8.34 -27.08 28.78
CA VAL E 184 9.44 -28.01 28.99
C VAL E 184 9.51 -28.20 30.50
N GLU E 185 9.43 -29.45 30.93
CA GLU E 185 9.44 -29.76 32.36
C GLU E 185 10.76 -30.32 32.85
N TRP E 186 10.99 -30.21 34.16
CA TRP E 186 12.19 -30.75 34.79
C TRP E 186 11.73 -31.56 35.99
N ARG E 187 12.01 -32.86 35.99
CA ARG E 187 11.59 -33.66 37.13
C ARG E 187 12.72 -33.75 38.14
N ALA E 188 12.43 -33.34 39.37
CA ALA E 188 13.41 -33.38 40.46
C ALA E 188 13.36 -34.73 41.19
N GLN F 1 8.45 -6.70 -6.23
CA GLN F 1 9.72 -7.46 -6.38
C GLN F 1 10.95 -6.58 -6.17
N TRP F 2 10.75 -5.27 -6.25
CA TRP F 2 11.87 -4.34 -6.11
C TRP F 2 11.82 -3.40 -4.92
N ILE F 3 12.92 -3.33 -4.19
CA ILE F 3 13.00 -2.43 -3.05
C ILE F 3 13.49 -1.12 -3.64
N ARG F 4 12.85 -0.04 -3.25
CA ARG F 4 13.21 1.26 -3.77
C ARG F 4 14.15 2.01 -2.87
N VAL F 5 14.96 2.86 -3.49
CA VAL F 5 15.91 3.67 -2.76
C VAL F 5 15.33 5.08 -2.68
N ASN F 6 15.52 5.73 -1.54
CA ASN F 6 15.07 7.11 -1.35
C ASN F 6 16.31 7.97 -1.66
N ILE F 7 16.26 8.80 -2.70
CA ILE F 7 17.42 9.63 -3.03
C ILE F 7 17.58 10.92 -2.23
N PRO F 8 18.65 11.01 -1.42
CA PRO F 8 18.89 12.21 -0.62
C PRO F 8 19.15 13.44 -1.49
N LYS F 9 19.29 14.60 -0.88
CA LYS F 9 19.56 15.79 -1.67
C LYS F 9 20.95 16.30 -1.44
N ARG F 10 21.46 17.01 -2.43
CA ARG F 10 22.81 17.56 -2.35
C ARG F 10 22.79 18.95 -1.72
N ILE F 11 23.72 19.20 -0.81
CA ILE F 11 23.82 20.48 -0.16
C ILE F 11 24.64 21.36 -1.08
#